data_1JNF
#
_entry.id   1JNF
#
_cell.length_a   127.190
_cell.length_b   127.190
_cell.length_c   144.850
_cell.angle_alpha   90.00
_cell.angle_beta   90.00
_cell.angle_gamma   90.00
#
_symmetry.space_group_name_H-M   'P 43 21 2'
#
loop_
_entity.id
_entity.type
_entity.pdbx_description
1 polymer serotransferrin
2 non-polymer 'CARBONATE ION'
3 non-polymer 'FE (III) ION'
4 non-polymer 'CHLORIDE ION'
5 water water
#
_entity_poly.entity_id   1
_entity_poly.type   'polypeptide(L)'
_entity_poly.pdbx_seq_one_letter_code
;VTEKTVRWCAVNDHEASKCANFRDSMKKVLPEDGPRIICVKKASYLDCIKAIAAHEADAVTLDAGLVHEAGLTPNNLKPV
VAEFYGSKENPKTFYYAVALVKKGSNFQLNELQGKKSCHTGLGRSAGWNIPIGLLLCDLPEPRKPLEKAVASFFSGSCVP
CADGADFPQLCQLCPGCGCSSVQPYFGYSGAFKCLKDGLGDVAFVKQETIFENLPSKDERDQYELLCLDNTRKPVDEYEQ
CHLARVPSHAVVARSVDGKEDLIWELLNQAQEHFGKDKSGDFQLFSSPHGKNLLFKDSAYGFFKVPPRMDANLYLGYEYV
TAVRNLREGICPDPLQDECKAVKWCALGHHERLKCDEWSVTSGGLIECESAETPEDCIAKIMNGEADAMSLDGGYVYIAG
QCGLVPVLAENYESTDCKKAPEEGYLSVAVVKKSNPDINWNNLEGKKSCHTAVDRTAGWNIPMGLLYNRINHCRFDEFFR
QGCAPGSQKNSSLCELCVGPSVCAPNNREGYYGYTGAFRCLVEKGDVAFVKSQTVLQNTGGRNSEPWAKDLKEEDFELLC
LDGTRKPVSEAHNCHLAKAPNHAVVSRKDKAACVKQKLLDLQVEFGNTVADCSSKFCMFHSKTKDLLFRDDTKCLVDLRG
KNTYEKYLGADYIKAVSNLRKCSTSRLLEACTFHKH
;
_entity_poly.pdbx_strand_id   A
#
# COMPACT_ATOMS: atom_id res chain seq x y z
N GLU A 3 -4.25 34.76 6.05
CA GLU A 3 -4.56 34.13 4.70
C GLU A 3 -4.40 32.59 4.76
N LYS A 4 -3.40 32.08 4.05
CA LYS A 4 -3.01 30.70 4.20
C LYS A 4 -2.01 30.52 5.34
N THR A 5 -2.44 29.92 6.43
CA THR A 5 -1.53 29.68 7.51
C THR A 5 -1.39 28.21 7.81
N VAL A 6 -0.17 27.80 8.13
CA VAL A 6 0.07 26.47 8.66
C VAL A 6 0.45 26.59 10.14
N ARG A 7 -0.39 26.04 10.99
CA ARG A 7 -0.12 26.04 12.40
C ARG A 7 0.80 24.85 12.74
N TRP A 8 2.09 25.13 13.00
CA TRP A 8 3.04 24.05 13.21
C TRP A 8 3.17 23.73 14.64
N CYS A 9 3.09 22.45 14.97
CA CYS A 9 3.11 22.10 16.35
C CYS A 9 4.50 21.76 16.84
N ALA A 10 5.07 22.63 17.70
CA ALA A 10 6.38 22.45 18.29
C ALA A 10 6.31 21.77 19.67
N VAL A 11 7.14 20.80 19.92
CA VAL A 11 7.12 20.08 21.17
C VAL A 11 8.14 20.68 22.13
N ASN A 12 7.61 21.55 22.96
CA ASN A 12 8.30 22.21 23.99
C ASN A 12 9.27 23.27 23.55
N ASP A 13 10.08 23.76 24.48
CA ASP A 13 10.79 24.97 24.22
C ASP A 13 11.79 25.03 23.11
N HIS A 14 12.72 24.08 23.04
CA HIS A 14 13.71 24.22 22.00
C HIS A 14 13.12 24.14 20.66
N GLU A 15 12.06 23.33 20.53
CA GLU A 15 11.36 23.20 19.24
C GLU A 15 10.67 24.51 18.92
N ALA A 16 10.10 25.15 19.95
CA ALA A 16 9.47 26.49 19.81
C ALA A 16 10.46 27.54 19.27
N SER A 17 11.68 27.54 19.74
CA SER A 17 12.59 28.51 19.25
C SER A 17 12.93 28.24 17.86
N LYS A 18 13.11 26.97 17.50
CA LYS A 18 13.42 26.68 16.08
C LYS A 18 12.21 27.03 15.22
N CYS A 19 11.03 26.80 15.70
CA CYS A 19 9.92 27.10 14.88
C CYS A 19 9.84 28.59 14.48
N ALA A 20 10.19 29.46 15.43
CA ALA A 20 10.15 30.91 15.28
C ALA A 20 11.15 31.34 14.25
N ASN A 21 12.36 30.78 14.33
CA ASN A 21 13.37 31.10 13.34
C ASN A 21 12.85 30.65 11.95
N PHE A 22 12.16 29.52 11.92
CA PHE A 22 11.63 28.95 10.72
C PHE A 22 10.61 29.94 10.03
N ARG A 23 9.60 30.35 10.81
CA ARG A 23 8.59 31.33 10.46
C ARG A 23 9.19 32.58 9.84
N ASP A 24 10.12 33.18 10.55
CA ASP A 24 10.67 34.45 10.20
C ASP A 24 11.49 34.33 8.95
N SER A 25 12.17 33.21 8.83
CA SER A 25 13.02 33.01 7.70
C SER A 25 12.17 32.84 6.44
N MET A 26 11.14 32.01 6.55
CA MET A 26 10.25 31.79 5.45
C MET A 26 9.64 33.13 5.02
N LYS A 27 9.21 33.93 5.98
CA LYS A 27 8.53 35.20 5.68
C LYS A 27 9.36 35.99 4.67
N LYS A 28 10.67 35.99 4.86
CA LYS A 28 11.52 36.69 3.93
C LYS A 28 11.37 36.13 2.53
N VAL A 29 11.40 34.81 2.34
CA VAL A 29 11.44 34.25 1.00
C VAL A 29 10.13 33.93 0.30
N LEU A 30 9.02 33.96 1.00
CA LEU A 30 7.77 33.68 0.36
C LEU A 30 7.09 34.97 -0.03
N PRO A 31 6.12 34.91 -0.94
CA PRO A 31 5.31 36.09 -1.28
C PRO A 31 4.27 36.35 -0.20
N GLU A 32 3.86 37.60 -0.02
CA GLU A 32 2.87 38.01 0.99
C GLU A 32 1.63 37.13 1.13
N ASP A 33 1.47 36.12 0.28
CA ASP A 33 0.37 35.16 0.39
C ASP A 33 0.94 33.83 0.84
N GLY A 34 2.06 33.47 0.19
CA GLY A 34 2.80 32.27 0.54
C GLY A 34 2.33 31.95 1.92
N PRO A 35 2.12 30.68 2.22
CA PRO A 35 1.60 30.28 3.52
C PRO A 35 2.57 30.78 4.58
N ARG A 36 2.02 31.17 5.70
CA ARG A 36 2.84 31.70 6.76
C ARG A 36 2.76 30.73 7.96
N ILE A 37 3.85 30.59 8.70
CA ILE A 37 3.84 29.61 9.78
C ILE A 37 3.35 30.18 11.09
N ILE A 38 2.52 29.41 11.76
CA ILE A 38 2.26 29.81 13.11
C ILE A 38 2.79 28.69 14.06
N CYS A 39 3.57 29.06 15.10
CA CYS A 39 4.17 28.11 16.02
C CYS A 39 3.21 27.93 17.22
N VAL A 40 2.76 26.69 17.46
CA VAL A 40 1.92 26.35 18.59
C VAL A 40 2.79 25.38 19.39
N LYS A 41 2.94 25.60 20.73
CA LYS A 41 3.86 24.86 21.52
C LYS A 41 3.05 23.96 22.41
N LYS A 42 3.42 22.68 22.45
CA LYS A 42 2.74 21.75 23.32
C LYS A 42 3.81 20.98 24.05
N ALA A 43 3.41 20.24 25.08
CA ALA A 43 4.41 19.59 25.91
C ALA A 43 5.00 18.25 25.34
N SER A 44 4.20 17.50 24.60
CA SER A 44 4.59 16.23 24.04
C SER A 44 4.02 16.02 22.65
N TYR A 45 4.51 15.00 21.97
CA TYR A 45 3.98 14.67 20.68
C TYR A 45 2.51 14.31 20.78
N LEU A 46 2.11 13.71 21.90
CA LEU A 46 0.75 13.30 22.07
C LEU A 46 -0.15 14.51 22.03
N ASP A 47 0.17 15.49 22.88
CA ASP A 47 -0.59 16.70 22.86
C ASP A 47 -0.60 17.29 21.50
N CYS A 48 0.43 17.12 20.73
CA CYS A 48 0.37 17.69 19.41
C CYS A 48 -0.66 16.95 18.56
N ILE A 49 -0.79 15.66 18.78
CA ILE A 49 -1.63 14.89 17.94
C ILE A 49 -3.02 15.37 18.23
N LYS A 50 -3.31 15.53 19.51
CA LYS A 50 -4.63 15.99 19.89
C LYS A 50 -4.93 17.41 19.34
N ALA A 51 -3.96 18.33 19.39
CA ALA A 51 -4.18 19.70 18.94
C ALA A 51 -4.51 19.75 17.46
N ILE A 52 -4.04 18.75 16.75
CA ILE A 52 -4.27 18.75 15.31
C ILE A 52 -5.66 18.23 15.03
N ALA A 53 -6.10 17.27 15.83
CA ALA A 53 -7.41 16.63 15.66
C ALA A 53 -8.48 17.65 15.92
N ALA A 54 -8.15 18.53 16.85
CA ALA A 54 -9.10 19.50 17.35
C ALA A 54 -8.89 20.84 16.68
N HIS A 55 -8.08 20.90 15.64
CA HIS A 55 -7.93 22.11 14.88
C HIS A 55 -7.11 23.19 15.55
N GLU A 56 -6.44 22.86 16.66
CA GLU A 56 -5.55 23.84 17.27
C GLU A 56 -4.28 24.00 16.46
N ALA A 57 -3.93 23.00 15.68
CA ALA A 57 -2.73 23.06 14.86
C ALA A 57 -3.00 22.20 13.67
N ASP A 58 -2.07 22.16 12.73
CA ASP A 58 -2.27 21.46 11.50
C ASP A 58 -1.23 20.38 11.16
N ALA A 59 0.03 20.56 11.62
CA ALA A 59 1.12 19.71 11.24
C ALA A 59 2.13 19.40 12.35
N VAL A 60 2.64 18.17 12.35
CA VAL A 60 3.66 17.74 13.28
C VAL A 60 4.46 16.55 12.69
N THR A 61 5.80 16.64 12.67
CA THR A 61 6.60 15.53 12.15
C THR A 61 6.68 14.43 13.18
N LEU A 62 6.49 13.18 12.79
CA LEU A 62 6.49 12.09 13.78
C LEU A 62 7.22 10.87 13.30
N ASP A 63 7.72 10.10 14.27
CA ASP A 63 8.38 8.83 14.01
C ASP A 63 7.30 7.86 13.52
N ALA A 64 7.65 6.89 12.70
CA ALA A 64 6.64 6.02 12.07
C ALA A 64 5.84 5.29 13.07
N GLY A 65 6.41 5.00 14.20
CA GLY A 65 5.65 4.28 15.17
C GLY A 65 4.59 5.15 15.79
N LEU A 66 4.83 6.46 15.76
CA LEU A 66 3.87 7.33 16.38
C LEU A 66 2.85 7.75 15.33
N VAL A 67 3.24 7.68 14.07
CA VAL A 67 2.34 7.88 12.96
C VAL A 67 1.26 6.83 13.06
N HIS A 68 1.65 5.61 13.38
CA HIS A 68 0.62 4.60 13.62
C HIS A 68 -0.30 5.02 14.74
N GLU A 69 0.25 5.53 15.81
CA GLU A 69 -0.60 6.00 16.89
C GLU A 69 -1.55 7.15 16.54
N ALA A 70 -1.11 8.00 15.64
CA ALA A 70 -1.79 9.20 15.25
C ALA A 70 -2.97 8.93 14.29
N GLY A 71 -2.84 7.84 13.56
CA GLY A 71 -3.83 7.40 12.61
C GLY A 71 -4.95 6.64 13.27
N LEU A 72 -4.85 6.20 14.50
CA LEU A 72 -5.98 5.56 15.09
C LEU A 72 -7.13 6.54 15.47
N THR A 73 -8.28 5.97 15.78
CA THR A 73 -9.45 6.71 16.20
C THR A 73 -9.09 7.12 17.59
N PRO A 74 -9.64 8.20 18.08
CA PRO A 74 -10.47 9.11 17.27
C PRO A 74 -9.64 10.18 16.66
N ASN A 75 -8.33 10.01 16.50
CA ASN A 75 -7.54 11.08 15.93
C ASN A 75 -7.46 10.98 14.45
N ASN A 76 -7.30 9.80 13.91
CA ASN A 76 -7.38 9.69 12.47
C ASN A 76 -6.58 10.64 11.64
N LEU A 77 -5.29 10.72 11.88
CA LEU A 77 -4.52 11.66 11.10
C LEU A 77 -3.86 10.85 10.05
N LYS A 78 -3.21 11.50 9.10
CA LYS A 78 -2.51 10.75 8.11
C LYS A 78 -1.19 11.41 7.67
N PRO A 79 -0.25 10.61 7.21
CA PRO A 79 1.00 11.15 6.73
C PRO A 79 0.82 11.88 5.43
N VAL A 80 1.36 13.07 5.30
CA VAL A 80 1.18 13.77 4.08
C VAL A 80 2.48 14.21 3.49
N VAL A 81 3.53 14.27 4.31
CA VAL A 81 4.89 14.55 3.78
C VAL A 81 5.86 13.62 4.49
N ALA A 82 6.91 13.20 3.81
CA ALA A 82 7.81 12.28 4.43
C ALA A 82 9.20 12.72 4.33
N GLU A 83 9.98 12.48 5.37
CA GLU A 83 11.38 12.82 5.23
C GLU A 83 12.01 11.75 4.39
N PHE A 84 13.09 12.09 3.71
CA PHE A 84 13.89 11.08 3.07
C PHE A 84 15.33 11.20 3.54
N TYR A 85 16.10 10.12 3.40
CA TYR A 85 17.47 10.11 3.91
C TYR A 85 18.51 9.72 2.84
N GLY A 86 19.77 9.67 3.24
CA GLY A 86 20.83 9.22 2.37
C GLY A 86 21.44 10.36 1.63
N SER A 87 20.85 10.76 0.52
CA SER A 87 21.35 11.91 -0.24
C SER A 87 20.28 12.32 -1.21
N LYS A 88 20.43 13.49 -1.82
CA LYS A 88 19.43 13.98 -2.76
C LYS A 88 19.36 13.07 -3.94
N GLU A 89 20.50 12.62 -4.42
CA GLU A 89 20.48 11.78 -5.63
C GLU A 89 20.21 10.31 -5.43
N ASN A 90 20.28 9.79 -4.20
CA ASN A 90 19.87 8.39 -3.97
C ASN A 90 19.09 8.28 -2.67
N PRO A 91 17.87 8.80 -2.71
CA PRO A 91 16.99 8.89 -1.55
C PRO A 91 16.38 7.64 -1.02
N LYS A 92 16.29 7.58 0.28
CA LYS A 92 15.72 6.44 0.95
C LYS A 92 14.61 6.85 1.84
N THR A 93 13.52 6.10 1.86
CA THR A 93 12.45 6.37 2.80
C THR A 93 12.33 5.37 3.93
N PHE A 94 13.50 4.90 4.35
CA PHE A 94 13.60 4.02 5.50
C PHE A 94 14.93 4.33 6.18
N TYR A 95 15.10 3.81 7.39
CA TYR A 95 16.36 3.94 8.09
C TYR A 95 16.55 2.69 8.95
N TYR A 96 17.72 2.53 9.56
CA TYR A 96 17.96 1.35 10.36
C TYR A 96 17.87 1.56 11.84
N ALA A 97 17.25 0.61 12.52
CA ALA A 97 17.21 0.63 13.95
C ALA A 97 18.46 -0.14 14.35
N VAL A 98 19.25 0.37 15.29
CA VAL A 98 20.42 -0.37 15.75
C VAL A 98 20.49 -0.43 17.25
N ALA A 99 21.28 -1.33 17.80
CA ALA A 99 21.53 -1.37 19.25
C ALA A 99 22.94 -0.92 19.48
N LEU A 100 23.10 0.25 20.06
CA LEU A 100 24.42 0.83 20.23
C LEU A 100 25.04 0.54 21.61
N VAL A 101 26.29 0.05 21.61
CA VAL A 101 27.00 -0.25 22.84
C VAL A 101 28.41 0.36 22.92
N LYS A 102 29.01 0.30 24.11
CA LYS A 102 30.41 0.66 24.24
C LYS A 102 31.31 -0.54 23.93
N LYS A 103 32.35 -0.29 23.14
CA LYS A 103 33.37 -1.28 22.84
C LYS A 103 33.91 -1.83 24.13
N GLY A 104 34.02 -3.15 24.18
CA GLY A 104 34.58 -3.81 25.32
C GLY A 104 33.65 -4.15 26.44
N SER A 105 32.35 -3.96 26.27
CA SER A 105 31.48 -4.33 27.37
C SER A 105 31.08 -5.79 27.17
N ASN A 106 31.42 -6.34 26.01
CA ASN A 106 31.31 -7.76 25.70
C ASN A 106 29.98 -8.44 25.48
N PHE A 107 28.96 -8.04 26.20
CA PHE A 107 27.72 -8.77 26.11
C PHE A 107 27.06 -8.75 24.72
N GLN A 108 26.37 -9.82 24.34
CA GLN A 108 25.62 -9.88 23.06
C GLN A 108 24.11 -9.62 23.20
N LEU A 109 23.40 -9.62 22.07
CA LEU A 109 21.96 -9.29 22.03
C LEU A 109 21.18 -10.13 22.95
N ASN A 110 21.59 -11.37 23.12
CA ASN A 110 20.88 -12.23 24.02
C ASN A 110 21.22 -12.16 25.50
N GLU A 111 22.06 -11.16 25.88
CA GLU A 111 22.41 -10.93 27.29
C GLU A 111 21.85 -9.62 27.82
N LEU A 112 20.74 -9.13 27.25
CA LEU A 112 20.21 -7.86 27.70
C LEU A 112 19.54 -7.94 29.02
N GLN A 113 19.01 -9.10 29.36
CA GLN A 113 18.31 -9.22 30.65
C GLN A 113 19.20 -8.69 31.75
N GLY A 114 18.71 -7.84 32.58
CA GLY A 114 19.51 -7.32 33.63
C GLY A 114 20.29 -6.08 33.30
N LYS A 115 20.49 -5.78 32.02
CA LYS A 115 21.25 -4.60 31.62
C LYS A 115 20.41 -3.35 31.82
N LYS A 116 21.05 -2.20 31.70
CA LYS A 116 20.39 -0.90 31.77
C LYS A 116 20.18 -0.30 30.36
N SER A 117 19.01 0.30 30.15
CA SER A 117 18.65 0.64 28.76
C SER A 117 18.29 2.07 28.51
N CYS A 118 18.69 2.54 27.33
CA CYS A 118 18.43 3.89 26.86
C CYS A 118 17.63 3.80 25.56
N HIS A 119 16.44 4.39 25.59
CA HIS A 119 15.45 4.34 24.51
C HIS A 119 15.11 5.76 24.03
N THR A 120 14.74 5.95 22.78
CA THR A 120 14.36 7.28 22.31
C THR A 120 13.04 7.71 22.85
N GLY A 121 12.12 6.80 23.04
CA GLY A 121 10.78 7.14 23.53
C GLY A 121 9.81 5.98 23.38
N LEU A 122 8.82 5.95 24.24
CA LEU A 122 7.77 4.93 24.14
C LEU A 122 7.09 4.97 22.79
N GLY A 123 6.87 3.83 22.17
CA GLY A 123 6.15 3.76 20.92
C GLY A 123 6.91 4.16 19.65
N ARG A 124 8.20 4.42 19.77
CA ARG A 124 8.93 4.85 18.61
C ARG A 124 9.60 3.65 17.94
N SER A 125 9.91 3.78 16.66
CA SER A 125 10.45 2.68 15.88
C SER A 125 11.75 2.05 16.43
N ALA A 126 12.88 2.77 16.35
CA ALA A 126 14.15 2.27 16.82
C ALA A 126 14.26 2.18 18.28
N GLY A 127 13.61 3.05 19.01
CA GLY A 127 13.84 3.06 20.43
C GLY A 127 12.99 2.16 21.29
N TRP A 128 11.91 1.67 20.75
CA TRP A 128 10.95 0.87 21.46
C TRP A 128 10.37 -0.26 20.61
N ASN A 129 9.68 0.07 19.52
CA ASN A 129 9.02 -0.93 18.68
C ASN A 129 9.87 -2.10 18.25
N ILE A 130 10.95 -1.85 17.55
CA ILE A 130 11.83 -2.90 17.13
C ILE A 130 12.51 -3.67 18.26
N PRO A 131 13.26 -3.03 19.12
CA PRO A 131 13.90 -3.83 20.17
C PRO A 131 12.92 -4.58 21.06
N ILE A 132 11.90 -3.93 21.58
CA ILE A 132 11.00 -4.62 22.47
C ILE A 132 10.28 -5.74 21.74
N GLY A 133 9.96 -5.51 20.48
CA GLY A 133 9.40 -6.55 19.70
C GLY A 133 10.25 -7.77 19.52
N LEU A 134 11.56 -7.67 19.62
CA LEU A 134 12.40 -8.85 19.49
C LEU A 134 12.54 -9.51 20.80
N LEU A 135 12.31 -8.86 21.91
CA LEU A 135 12.52 -9.50 23.21
C LEU A 135 11.26 -10.04 23.81
N LEU A 136 10.14 -9.56 23.29
CA LEU A 136 8.81 -9.84 23.82
C LEU A 136 8.53 -11.25 24.32
N CYS A 137 8.58 -12.19 23.40
CA CYS A 137 8.31 -13.58 23.68
C CYS A 137 9.07 -14.09 24.87
N ASP A 138 10.34 -13.77 25.01
CA ASP A 138 10.99 -14.24 26.17
C ASP A 138 11.00 -13.23 27.32
N LEU A 139 10.06 -12.30 27.36
CA LEU A 139 9.96 -11.46 28.56
C LEU A 139 9.14 -12.23 29.57
N PRO A 140 9.23 -11.83 30.82
CA PRO A 140 8.45 -12.43 31.92
C PRO A 140 6.97 -12.68 31.58
N GLU A 141 6.55 -13.94 31.61
CA GLU A 141 5.21 -14.39 31.23
C GLU A 141 4.02 -13.39 31.30
N PRO A 142 3.82 -12.67 32.40
CA PRO A 142 2.73 -11.66 32.34
C PRO A 142 3.18 -10.42 31.55
N ARG A 143 3.09 -10.54 30.23
CA ARG A 143 3.46 -9.49 29.28
C ARG A 143 2.44 -8.37 29.20
N LYS A 144 1.51 -8.34 30.16
CA LYS A 144 0.58 -7.22 30.26
C LYS A 144 0.61 -6.65 31.65
N PRO A 145 0.75 -5.34 31.76
CA PRO A 145 0.99 -4.48 30.60
C PRO A 145 2.49 -4.58 30.22
N LEU A 146 2.76 -4.41 28.94
CA LEU A 146 4.11 -4.49 28.39
C LEU A 146 5.14 -3.74 29.24
N GLU A 147 4.80 -2.52 29.67
CA GLU A 147 5.72 -1.74 30.45
C GLU A 147 6.20 -2.42 31.69
N LYS A 148 5.31 -3.11 32.38
CA LYS A 148 5.74 -3.73 33.62
C LYS A 148 6.73 -4.86 33.31
N ALA A 149 6.50 -5.56 32.21
CA ALA A 149 7.37 -6.63 31.83
C ALA A 149 8.75 -6.10 31.44
N VAL A 150 8.78 -5.01 30.67
CA VAL A 150 10.04 -4.46 30.20
C VAL A 150 10.80 -3.93 31.42
N ALA A 151 10.03 -3.41 32.36
CA ALA A 151 10.64 -2.84 33.53
C ALA A 151 11.32 -3.84 34.47
N SER A 152 10.96 -5.12 34.40
CA SER A 152 11.50 -6.22 35.18
C SER A 152 12.63 -6.89 34.41
N PHE A 153 12.64 -6.77 33.11
CA PHE A 153 13.66 -7.45 32.36
C PHE A 153 15.00 -6.66 32.41
N PHE A 154 14.95 -5.33 32.38
CA PHE A 154 16.10 -4.47 32.41
C PHE A 154 16.19 -4.04 33.82
N SER A 155 17.36 -3.69 34.30
CA SER A 155 17.45 -3.27 35.68
C SER A 155 17.57 -1.76 35.74
N GLY A 156 16.73 -1.03 35.03
CA GLY A 156 16.79 0.42 34.97
C GLY A 156 16.85 0.91 33.56
N SER A 157 16.04 1.92 33.26
CA SER A 157 15.95 2.39 31.89
C SER A 157 15.65 3.85 31.82
N CYS A 158 15.79 4.39 30.60
CA CYS A 158 15.25 5.70 30.32
C CYS A 158 14.33 5.49 29.16
N VAL A 159 13.03 5.52 29.40
CA VAL A 159 12.07 5.40 28.32
C VAL A 159 11.22 6.66 28.25
N PRO A 160 11.72 7.67 27.58
CA PRO A 160 10.96 8.91 27.46
C PRO A 160 9.51 8.66 27.07
N CYS A 161 8.59 9.34 27.77
CA CYS A 161 7.16 9.35 27.48
C CYS A 161 6.40 8.32 28.23
N ALA A 162 7.08 7.51 29.01
CA ALA A 162 6.37 6.44 29.71
C ALA A 162 5.88 6.92 31.02
N ASP A 163 5.00 6.14 31.61
CA ASP A 163 4.45 6.52 32.90
C ASP A 163 5.35 6.06 34.02
N GLY A 164 5.99 7.01 34.65
CA GLY A 164 6.91 6.75 35.72
C GLY A 164 6.18 6.46 36.99
N ALA A 165 4.93 6.93 37.09
CA ALA A 165 4.17 6.70 38.31
C ALA A 165 3.98 5.22 38.44
N ASP A 166 3.47 4.55 37.41
CA ASP A 166 3.22 3.14 37.51
C ASP A 166 4.40 2.25 37.24
N PHE A 167 5.39 2.74 36.50
CA PHE A 167 6.53 1.92 36.14
C PHE A 167 7.79 2.69 36.34
N PRO A 168 8.15 2.87 37.58
CA PRO A 168 9.26 3.77 37.91
C PRO A 168 10.62 3.35 37.38
N GLN A 169 10.83 2.08 37.12
CA GLN A 169 12.14 1.62 36.66
C GLN A 169 12.43 2.11 35.29
N LEU A 170 11.37 2.35 34.54
CA LEU A 170 11.52 2.88 33.20
C LEU A 170 12.00 4.32 33.21
N CYS A 171 12.06 4.96 34.37
CA CYS A 171 12.61 6.31 34.50
C CYS A 171 13.81 6.42 35.42
N GLN A 172 14.40 5.29 35.76
CA GLN A 172 15.51 5.28 36.66
C GLN A 172 16.65 6.08 36.14
N LEU A 173 16.95 5.96 34.83
CA LEU A 173 18.06 6.73 34.30
C LEU A 173 17.66 8.12 33.88
N CYS A 174 16.38 8.45 33.91
CA CYS A 174 15.94 9.79 33.53
C CYS A 174 14.66 10.10 34.28
N PRO A 175 14.78 10.40 35.55
CA PRO A 175 13.61 10.68 36.42
C PRO A 175 12.59 11.62 35.80
N GLY A 176 11.36 11.16 35.68
CA GLY A 176 10.28 11.88 35.00
C GLY A 176 9.86 11.33 33.62
N CYS A 177 10.74 10.66 32.90
CA CYS A 177 10.50 10.17 31.55
C CYS A 177 9.95 11.30 30.66
N GLY A 178 10.46 12.51 30.85
CA GLY A 178 10.08 13.63 30.11
C GLY A 178 10.03 13.40 28.64
N CYS A 179 8.92 13.84 28.04
CA CYS A 179 8.63 13.65 26.68
C CYS A 179 9.02 14.78 25.78
N SER A 180 10.22 15.34 25.93
CA SER A 180 10.66 16.37 25.01
C SER A 180 12.15 16.68 25.07
N SER A 181 12.69 17.45 24.10
CA SER A 181 14.13 17.68 24.08
C SER A 181 14.57 18.57 25.23
N VAL A 182 13.64 18.96 26.05
CA VAL A 182 14.01 19.74 27.16
C VAL A 182 14.66 18.82 28.21
N GLN A 183 14.26 17.57 28.34
CA GLN A 183 15.05 16.68 29.18
C GLN A 183 16.17 16.12 28.33
N PRO A 184 17.35 16.08 28.89
CA PRO A 184 18.54 15.71 28.15
C PRO A 184 18.62 14.26 27.62
N TYR A 185 17.76 13.36 28.04
CA TYR A 185 17.95 11.99 27.63
C TYR A 185 16.83 11.59 26.67
N PHE A 186 16.22 12.58 26.03
CA PHE A 186 15.08 12.35 25.20
C PHE A 186 15.52 12.13 23.76
N GLY A 187 14.79 11.33 23.03
CA GLY A 187 15.08 11.23 21.61
C GLY A 187 16.32 10.48 21.18
N TYR A 188 16.65 10.63 19.91
CA TYR A 188 17.83 10.00 19.33
C TYR A 188 19.08 10.49 20.11
N SER A 189 19.17 11.80 20.29
CA SER A 189 20.25 12.44 21.02
C SER A 189 20.30 12.01 22.45
N GLY A 190 19.16 12.04 23.12
CA GLY A 190 19.14 11.73 24.53
C GLY A 190 19.58 10.31 24.80
N ALA A 191 19.02 9.39 24.06
CA ALA A 191 19.39 7.99 24.18
C ALA A 191 20.88 7.79 24.04
N PHE A 192 21.45 8.47 23.06
CA PHE A 192 22.87 8.39 22.81
C PHE A 192 23.63 8.92 24.08
N LYS A 193 23.19 10.07 24.59
CA LYS A 193 23.77 10.65 25.75
C LYS A 193 23.67 9.74 26.98
N CYS A 194 22.54 9.05 27.10
CA CYS A 194 22.32 8.13 28.20
C CYS A 194 23.40 7.00 28.24
N LEU A 195 23.78 6.54 27.05
CA LEU A 195 24.87 5.62 26.90
C LEU A 195 26.22 6.30 27.11
N LYS A 196 26.50 7.40 26.43
CA LYS A 196 27.78 8.05 26.54
C LYS A 196 28.16 8.47 28.01
N ASP A 197 27.24 9.05 28.75
CA ASP A 197 27.44 9.39 30.13
C ASP A 197 27.44 8.13 30.99
N GLY A 198 27.26 6.96 30.43
CA GLY A 198 27.38 5.78 31.26
C GLY A 198 26.20 5.42 32.12
N LEU A 199 25.05 6.04 31.96
CA LEU A 199 23.85 5.62 32.70
C LEU A 199 23.41 4.27 32.24
N GLY A 200 23.50 4.03 30.95
CA GLY A 200 22.98 2.78 30.43
C GLY A 200 24.04 2.01 29.71
N ASP A 201 23.78 0.71 29.44
CA ASP A 201 24.73 -0.17 28.76
C ASP A 201 24.46 -0.33 27.31
N VAL A 202 23.25 0.01 26.92
CA VAL A 202 22.85 -0.11 25.54
C VAL A 202 21.92 1.03 25.16
N ALA A 203 22.01 1.50 23.93
CA ALA A 203 21.06 2.47 23.44
C ALA A 203 20.47 2.09 22.08
N PHE A 204 19.16 2.21 22.04
CA PHE A 204 18.37 1.90 20.89
C PHE A 204 18.08 3.20 20.13
N VAL A 205 18.81 3.35 19.03
CA VAL A 205 18.76 4.49 18.18
C VAL A 205 18.81 4.01 16.73
N LYS A 206 19.07 4.92 15.81
CA LYS A 206 19.18 4.65 14.42
C LYS A 206 20.65 4.73 14.07
N GLN A 207 20.98 4.41 12.84
CA GLN A 207 22.36 4.18 12.49
C GLN A 207 23.11 5.44 12.34
N GLU A 208 22.41 6.58 12.18
CA GLU A 208 23.07 7.88 12.01
C GLU A 208 23.44 8.53 13.35
N THR A 209 22.76 8.11 14.37
CA THR A 209 22.89 8.79 15.64
C THR A 209 24.34 9.00 16.09
N ILE A 210 25.16 7.96 16.07
CA ILE A 210 26.49 8.13 16.49
C ILE A 210 27.25 9.05 15.56
N PHE A 211 26.93 9.01 14.28
CA PHE A 211 27.65 9.89 13.34
C PHE A 211 27.21 11.29 13.58
N GLU A 212 25.95 11.52 13.84
CA GLU A 212 25.58 12.89 14.05
C GLU A 212 26.00 13.50 15.39
N ASN A 213 26.54 12.73 16.30
CA ASN A 213 26.97 13.21 17.61
C ASN A 213 28.48 13.12 17.84
N LEU A 214 29.20 12.40 17.00
CA LEU A 214 30.63 12.26 17.15
C LEU A 214 31.28 12.28 15.79
N PRO A 215 31.78 13.43 15.48
CA PRO A 215 32.41 13.71 14.18
C PRO A 215 33.67 12.94 13.82
N SER A 216 34.47 12.50 14.77
CA SER A 216 35.67 11.77 14.39
C SER A 216 35.57 10.29 14.53
N LYS A 217 36.08 9.57 13.53
CA LYS A 217 36.21 8.14 13.65
C LYS A 217 36.82 7.68 14.98
N ASP A 218 37.85 8.33 15.45
CA ASP A 218 38.46 7.90 16.71
C ASP A 218 37.56 7.89 17.92
N GLU A 219 36.65 8.85 18.05
CA GLU A 219 35.68 8.74 19.14
C GLU A 219 34.71 7.65 18.83
N ARG A 220 34.27 7.57 17.60
CA ARG A 220 33.30 6.53 17.26
C ARG A 220 33.85 5.13 17.50
N ASP A 221 35.18 5.01 17.44
CA ASP A 221 35.83 3.73 17.69
C ASP A 221 35.60 3.20 19.08
N GLN A 222 35.10 4.03 19.99
CA GLN A 222 34.72 3.57 21.33
C GLN A 222 33.36 2.78 21.44
N TYR A 223 32.62 2.67 20.34
CA TYR A 223 31.30 2.11 20.33
C TYR A 223 31.28 1.00 19.29
N GLU A 224 30.31 0.09 19.44
CA GLU A 224 30.12 -1.08 18.61
C GLU A 224 28.62 -1.25 18.44
N LEU A 225 28.19 -2.11 17.55
CA LEU A 225 26.75 -2.45 17.40
C LEU A 225 26.52 -3.91 17.74
N LEU A 226 25.37 -4.20 18.35
CA LEU A 226 24.94 -5.61 18.55
C LEU A 226 24.18 -6.09 17.32
N CYS A 227 24.56 -7.26 16.81
CA CYS A 227 23.88 -7.87 15.66
C CYS A 227 23.00 -8.99 16.05
N LEU A 228 22.08 -9.37 15.15
CA LEU A 228 21.09 -10.39 15.42
C LEU A 228 21.71 -11.77 15.67
N ASP A 229 22.90 -12.05 15.19
CA ASP A 229 23.50 -13.32 15.49
C ASP A 229 24.31 -13.34 16.77
N ASN A 230 24.08 -12.37 17.62
CA ASN A 230 24.86 -12.30 18.84
C ASN A 230 26.36 -12.19 18.66
N THR A 231 26.78 -11.41 17.69
CA THR A 231 28.13 -10.90 17.57
C THR A 231 28.05 -9.38 17.62
N ARG A 232 29.20 -8.72 17.66
CA ARG A 232 29.28 -7.27 17.72
C ARG A 232 29.98 -6.88 16.49
N LYS A 233 29.65 -5.71 15.94
CA LYS A 233 30.37 -5.17 14.81
C LYS A 233 30.59 -3.68 14.98
N PRO A 234 31.55 -3.13 14.28
CA PRO A 234 31.84 -1.70 14.39
C PRO A 234 30.66 -0.89 13.88
N VAL A 235 30.55 0.36 14.29
CA VAL A 235 29.37 1.16 13.94
C VAL A 235 29.21 1.55 12.47
N ASP A 236 30.25 1.32 11.67
CA ASP A 236 30.19 1.52 10.21
C ASP A 236 29.49 0.42 9.49
N GLU A 237 29.38 -0.71 10.15
CA GLU A 237 28.84 -1.82 9.48
C GLU A 237 27.38 -2.04 9.78
N TYR A 238 26.65 -0.96 9.94
CA TYR A 238 25.20 -1.10 10.24
C TYR A 238 24.36 -1.87 9.17
N GLU A 239 24.83 -1.86 7.92
CA GLU A 239 24.16 -2.58 6.85
C GLU A 239 24.10 -4.06 7.22
N GLN A 240 25.16 -4.58 7.81
CA GLN A 240 25.23 -5.95 8.17
C GLN A 240 24.96 -6.15 9.65
N CYS A 241 24.60 -5.12 10.38
CA CYS A 241 24.43 -5.31 11.80
C CYS A 241 23.43 -4.34 12.39
N HIS A 242 22.22 -4.43 11.89
CA HIS A 242 21.07 -3.65 12.32
C HIS A 242 19.92 -4.50 12.82
N LEU A 243 18.94 -3.97 13.52
CA LEU A 243 17.89 -4.87 14.02
C LEU A 243 16.72 -4.97 13.02
N ALA A 244 16.47 -3.89 12.30
CA ALA A 244 15.38 -3.82 11.34
C ALA A 244 15.50 -2.56 10.55
N ARG A 245 14.81 -2.54 9.43
CA ARG A 245 14.61 -1.35 8.61
C ARG A 245 13.25 -0.82 9.01
N VAL A 246 13.11 0.47 9.14
CA VAL A 246 11.85 1.08 9.50
C VAL A 246 11.58 2.26 8.61
N PRO A 247 10.33 2.60 8.42
CA PRO A 247 9.97 3.71 7.53
C PRO A 247 10.25 5.10 8.12
N SER A 248 10.26 6.07 7.22
CA SER A 248 10.52 7.45 7.52
C SER A 248 9.56 8.07 8.46
N HIS A 249 10.14 9.08 9.05
CA HIS A 249 9.43 9.98 9.94
C HIS A 249 8.58 10.75 8.92
N ALA A 250 7.38 11.08 9.33
CA ALA A 250 6.53 11.85 8.49
C ALA A 250 5.74 12.94 9.21
N VAL A 251 5.42 13.95 8.42
CA VAL A 251 4.54 15.03 8.90
C VAL A 251 3.13 14.56 8.73
N VAL A 252 2.35 14.53 9.80
CA VAL A 252 0.97 14.14 9.73
C VAL A 252 0.05 15.37 9.85
N ALA A 253 -1.20 15.19 9.39
CA ALA A 253 -2.22 16.24 9.30
C ALA A 253 -3.60 15.61 9.39
N ARG A 254 -4.64 16.38 9.70
CA ARG A 254 -6.02 15.86 9.71
C ARG A 254 -6.37 15.09 8.42
N SER A 255 -7.23 14.09 8.51
CA SER A 255 -7.64 13.33 7.29
C SER A 255 -8.55 14.17 6.37
N VAL A 256 -9.34 15.06 6.97
CA VAL A 256 -10.15 15.95 6.17
C VAL A 256 -9.95 17.33 6.72
N ASP A 257 -9.63 18.25 5.82
CA ASP A 257 -9.39 19.65 6.14
C ASP A 257 -8.02 19.82 6.76
N GLY A 258 -7.11 18.93 6.41
CA GLY A 258 -5.74 18.92 6.90
C GLY A 258 -4.77 19.97 6.37
N LYS A 259 -5.11 20.55 5.22
CA LYS A 259 -4.31 21.61 4.59
C LYS A 259 -3.04 21.07 4.00
N GLU A 260 -3.07 19.80 3.63
CA GLU A 260 -1.93 19.12 3.04
C GLU A 260 -1.26 19.88 1.92
N ASP A 261 -2.04 20.65 1.18
CA ASP A 261 -1.46 21.39 0.06
C ASP A 261 -0.60 22.53 0.59
N LEU A 262 -1.11 23.20 1.61
CA LEU A 262 -0.33 24.26 2.18
C LEU A 262 0.97 23.70 2.76
N ILE A 263 0.77 22.64 3.55
CA ILE A 263 1.87 21.98 4.21
C ILE A 263 2.91 21.60 3.22
N TRP A 264 2.47 21.05 2.10
CA TRP A 264 3.42 20.62 1.11
C TRP A 264 4.09 21.78 0.43
N GLU A 265 3.38 22.88 0.29
CA GLU A 265 3.91 24.08 -0.37
C GLU A 265 5.02 24.73 0.47
N LEU A 266 4.71 24.90 1.74
CA LEU A 266 5.65 25.41 2.70
C LEU A 266 6.92 24.58 2.68
N LEU A 267 6.71 23.28 2.91
CA LEU A 267 7.82 22.39 3.04
C LEU A 267 8.63 22.28 1.84
N ASN A 268 8.01 22.41 0.67
CA ASN A 268 8.77 22.28 -0.56
C ASN A 268 9.64 23.50 -0.77
N GLN A 269 9.10 24.65 -0.44
CA GLN A 269 9.86 25.89 -0.54
C GLN A 269 10.93 25.94 0.49
N ALA A 270 10.56 25.52 1.68
CA ALA A 270 11.51 25.48 2.75
C ALA A 270 12.71 24.72 2.33
N GLN A 271 12.52 23.55 1.75
CA GLN A 271 13.71 22.79 1.37
C GLN A 271 14.40 23.41 0.21
N GLU A 272 13.68 24.12 -0.68
CA GLU A 272 14.45 24.75 -1.76
C GLU A 272 15.37 25.81 -1.15
N HIS A 273 14.90 26.56 -0.18
CA HIS A 273 15.72 27.61 0.44
C HIS A 273 16.67 27.25 1.58
N PHE A 274 16.30 26.32 2.44
CA PHE A 274 17.12 26.09 3.63
C PHE A 274 17.55 24.65 3.86
N GLY A 275 17.52 23.88 2.78
CA GLY A 275 17.81 22.47 2.86
C GLY A 275 19.25 22.21 3.11
N LYS A 276 19.66 20.96 2.93
CA LYS A 276 21.00 20.54 3.32
C LYS A 276 22.13 21.16 2.55
N ASP A 277 21.88 21.50 1.29
CA ASP A 277 22.92 22.06 0.41
C ASP A 277 23.23 23.49 0.81
N LYS A 278 22.18 24.30 0.87
CA LYS A 278 22.32 25.68 1.30
C LYS A 278 23.05 25.78 2.64
N SER A 279 23.46 27.00 2.95
CA SER A 279 24.04 27.35 4.25
C SER A 279 23.51 28.73 4.56
N GLY A 280 23.30 28.97 5.85
CA GLY A 280 22.68 30.22 6.28
C GLY A 280 22.43 30.22 7.76
N ASP A 281 21.87 31.34 8.20
CA ASP A 281 21.64 31.54 9.61
C ASP A 281 20.61 30.54 10.00
N PHE A 282 19.72 30.22 9.06
CA PHE A 282 18.69 29.23 9.35
C PHE A 282 18.76 28.04 8.42
N GLN A 283 18.89 26.85 9.01
CA GLN A 283 18.91 25.59 8.29
C GLN A 283 17.78 24.76 8.81
N LEU A 284 17.06 24.09 7.94
CA LEU A 284 15.90 23.28 8.30
C LEU A 284 16.31 22.00 9.00
N PHE A 285 17.47 21.48 8.64
CA PHE A 285 17.91 20.21 9.21
C PHE A 285 18.98 20.35 10.22
N SER A 286 18.90 21.44 10.94
CA SER A 286 19.92 21.68 11.90
C SER A 286 19.47 22.75 12.84
N SER A 287 20.19 22.96 13.91
CA SER A 287 19.85 24.04 14.83
C SER A 287 20.76 24.13 16.02
N PRO A 288 21.12 25.34 16.39
CA PRO A 288 21.95 25.52 17.60
C PRO A 288 21.14 25.20 18.84
N HIS A 289 19.82 25.13 18.78
CA HIS A 289 19.04 24.73 19.96
C HIS A 289 18.90 23.24 20.19
N GLY A 290 19.57 22.44 19.37
CA GLY A 290 19.42 21.01 19.48
C GLY A 290 19.32 20.30 18.13
N LYS A 291 19.36 18.99 18.24
CA LYS A 291 19.34 18.04 17.16
C LYS A 291 17.95 17.49 17.07
N ASN A 292 17.54 17.27 15.83
CA ASN A 292 16.24 16.64 15.53
C ASN A 292 15.05 17.41 15.97
N LEU A 293 15.19 18.73 15.94
CA LEU A 293 14.10 19.61 16.28
C LEU A 293 13.21 19.87 15.05
N LEU A 294 11.92 19.60 15.21
CA LEU A 294 10.92 19.65 14.12
C LEU A 294 11.03 18.56 13.01
N PHE A 295 12.25 18.33 12.54
CA PHE A 295 12.61 17.33 11.54
C PHE A 295 13.92 16.70 11.99
N LYS A 296 14.23 15.51 11.54
CA LYS A 296 15.45 14.88 11.88
C LYS A 296 16.62 15.58 11.26
N ASP A 297 17.73 15.69 11.96
CA ASP A 297 18.89 16.31 11.33
C ASP A 297 19.40 15.40 10.19
N SER A 298 19.01 14.13 10.19
CA SER A 298 19.58 13.24 9.23
C SER A 298 18.75 13.29 7.94
N ALA A 299 17.60 13.94 7.96
CA ALA A 299 16.84 14.07 6.72
C ALA A 299 17.55 14.89 5.64
N TYR A 300 17.30 14.57 4.36
CA TYR A 300 17.89 15.37 3.26
C TYR A 300 16.79 16.11 2.52
N GLY A 301 15.54 15.82 2.81
CA GLY A 301 14.46 16.53 2.19
C GLY A 301 13.14 15.87 2.47
N PHE A 302 12.12 16.31 1.72
CA PHE A 302 10.79 15.73 1.80
C PHE A 302 10.26 15.24 0.45
N PHE A 303 9.29 14.32 0.49
CA PHE A 303 8.54 13.86 -0.65
C PHE A 303 7.08 14.01 -0.24
N LYS A 304 6.26 14.41 -1.22
CA LYS A 304 4.85 14.54 -1.06
C LYS A 304 4.37 13.14 -0.97
N VAL A 305 3.52 12.86 0.01
CA VAL A 305 2.98 11.53 0.17
C VAL A 305 1.67 11.41 -0.59
N PRO A 306 1.61 10.39 -1.44
CA PRO A 306 0.46 10.06 -2.28
C PRO A 306 -0.79 9.94 -1.47
N PRO A 307 -1.77 10.63 -1.98
CA PRO A 307 -3.07 10.83 -1.34
C PRO A 307 -3.83 9.60 -1.01
N ARG A 308 -3.61 8.54 -1.77
CA ARG A 308 -4.34 7.31 -1.52
C ARG A 308 -3.82 6.68 -0.25
N MET A 309 -2.57 7.01 0.07
CA MET A 309 -1.85 6.39 1.18
C MET A 309 -2.34 6.85 2.51
N ASP A 310 -2.89 5.97 3.32
CA ASP A 310 -3.15 6.32 4.69
C ASP A 310 -2.03 5.71 5.55
N ALA A 311 -2.23 5.75 6.86
CA ALA A 311 -1.23 5.32 7.81
C ALA A 311 -0.82 3.87 7.61
N ASN A 312 -1.79 2.94 7.62
CA ASN A 312 -1.48 1.53 7.43
C ASN A 312 -0.70 1.31 6.18
N LEU A 313 -1.17 1.94 5.13
CA LEU A 313 -0.49 1.83 3.86
C LEU A 313 0.87 2.46 3.88
N TYR A 314 0.98 3.66 4.47
CA TYR A 314 2.29 4.32 4.60
C TYR A 314 3.31 3.43 5.32
N LEU A 315 2.84 2.83 6.41
CA LEU A 315 3.64 1.95 7.23
C LEU A 315 3.89 0.61 6.58
N GLY A 316 2.91 0.09 5.86
CA GLY A 316 3.15 -1.21 5.33
C GLY A 316 2.81 -2.28 6.33
N TYR A 317 2.63 -3.47 5.77
CA TYR A 317 2.07 -4.61 6.47
C TYR A 317 2.99 -5.21 7.52
N GLU A 318 4.29 -5.38 7.21
CA GLU A 318 5.12 -5.99 8.22
C GLU A 318 5.27 -5.10 9.44
N TYR A 319 5.73 -3.86 9.26
CA TYR A 319 5.82 -2.92 10.37
C TYR A 319 4.52 -2.85 11.16
N VAL A 320 3.40 -2.69 10.47
CA VAL A 320 2.10 -2.49 11.16
C VAL A 320 1.74 -3.73 11.95
N THR A 321 2.14 -4.88 11.46
CA THR A 321 1.75 -6.12 12.10
C THR A 321 2.63 -6.29 13.32
N ALA A 322 3.92 -6.08 13.13
CA ALA A 322 4.86 -5.99 14.23
C ALA A 322 4.34 -5.06 15.37
N VAL A 323 3.91 -3.85 15.02
CA VAL A 323 3.51 -2.94 16.10
C VAL A 323 2.23 -3.48 16.74
N ARG A 324 1.37 -4.02 15.85
CA ARG A 324 0.09 -4.62 16.23
C ARG A 324 0.30 -5.69 17.31
N ASN A 325 1.06 -6.72 16.94
CA ASN A 325 1.44 -7.82 17.83
C ASN A 325 1.92 -7.36 19.19
N LEU A 326 2.90 -6.47 19.16
CA LEU A 326 3.43 -5.91 20.36
C LEU A 326 2.34 -5.38 21.29
N ARG A 327 1.51 -4.49 20.79
CA ARG A 327 0.47 -3.91 21.64
C ARG A 327 -0.59 -4.96 21.97
N GLU A 328 -0.67 -5.98 21.13
CA GLU A 328 -1.68 -7.02 21.26
C GLU A 328 -1.19 -8.24 22.04
N GLY A 329 0.02 -8.16 22.59
CA GLY A 329 0.61 -9.25 23.35
C GLY A 329 0.55 -10.59 22.64
N ILE A 330 0.41 -10.56 21.34
CA ILE A 330 0.34 -11.80 20.60
C ILE A 330 1.75 -12.36 20.44
N CYS A 331 2.02 -13.56 20.93
CA CYS A 331 3.33 -14.16 20.64
C CYS A 331 3.18 -15.36 19.72
N PRO A 332 4.05 -15.41 18.71
CA PRO A 332 4.10 -16.49 17.73
C PRO A 332 5.13 -17.51 18.19
N ASP A 333 5.12 -17.81 19.50
CA ASP A 333 5.95 -18.89 20.04
C ASP A 333 5.65 -20.11 19.15
N PRO A 334 6.41 -21.17 19.27
CA PRO A 334 6.17 -22.38 18.46
C PRO A 334 4.68 -22.68 18.29
N LEU A 335 4.10 -22.10 17.25
CA LEU A 335 2.67 -22.18 17.00
C LEU A 335 2.40 -22.94 15.73
N GLN A 336 1.11 -23.10 15.42
CA GLN A 336 0.67 -23.86 14.27
C GLN A 336 -0.80 -23.59 13.89
N ASP A 337 -1.04 -23.38 12.59
CA ASP A 337 -2.39 -23.32 12.03
C ASP A 337 -3.13 -21.98 12.14
N GLU A 338 -2.88 -21.14 11.15
CA GLU A 338 -3.60 -19.88 10.98
C GLU A 338 -4.65 -20.11 9.87
N CYS A 339 -4.55 -21.27 9.22
CA CYS A 339 -5.45 -21.63 8.13
C CYS A 339 -6.79 -22.17 8.61
N LYS A 340 -7.49 -21.39 9.40
CA LYS A 340 -8.79 -21.79 9.89
C LYS A 340 -9.82 -21.53 8.84
N ALA A 341 -9.83 -20.28 8.36
CA ALA A 341 -10.77 -19.86 7.36
C ALA A 341 -10.11 -18.84 6.43
N VAL A 342 -10.51 -18.81 5.16
CA VAL A 342 -10.00 -17.78 4.24
C VAL A 342 -11.02 -16.65 4.02
N LYS A 343 -10.57 -15.43 4.27
CA LYS A 343 -11.42 -14.28 4.07
C LYS A 343 -11.24 -13.74 2.66
N TRP A 344 -12.38 -13.74 1.95
CA TRP A 344 -12.48 -13.28 0.60
C TRP A 344 -12.96 -11.82 0.44
N CYS A 345 -12.34 -11.06 -0.45
CA CYS A 345 -12.81 -9.70 -0.70
C CYS A 345 -13.71 -9.59 -1.96
N ALA A 346 -14.92 -9.10 -1.76
CA ALA A 346 -15.95 -9.06 -2.78
C ALA A 346 -16.33 -7.65 -3.16
N LEU A 347 -16.51 -7.38 -4.45
CA LEU A 347 -16.97 -6.06 -4.82
C LEU A 347 -18.49 -5.93 -4.63
N GLY A 348 -19.01 -4.71 -4.57
CA GLY A 348 -20.44 -4.49 -4.62
C GLY A 348 -21.35 -5.51 -3.98
N HIS A 349 -22.64 -5.32 -4.17
CA HIS A 349 -23.64 -6.14 -3.53
C HIS A 349 -23.65 -7.63 -3.92
N HIS A 350 -23.73 -7.88 -5.22
CA HIS A 350 -23.86 -9.22 -5.78
C HIS A 350 -22.75 -10.14 -5.39
N GLU A 351 -21.52 -9.72 -5.61
CA GLU A 351 -20.38 -10.55 -5.24
C GLU A 351 -20.46 -10.86 -3.75
N ARG A 352 -21.06 -9.94 -3.00
CA ARG A 352 -21.13 -10.13 -1.55
C ARG A 352 -22.08 -11.29 -1.25
N LEU A 353 -23.27 -11.19 -1.85
CA LEU A 353 -24.27 -12.25 -1.73
C LEU A 353 -23.67 -13.58 -2.09
N LYS A 354 -23.02 -13.66 -3.23
CA LYS A 354 -22.46 -14.92 -3.64
C LYS A 354 -21.49 -15.40 -2.56
N CYS A 355 -20.70 -14.48 -2.02
CA CYS A 355 -19.71 -14.88 -1.02
C CYS A 355 -20.41 -15.39 0.20
N ASP A 356 -21.40 -14.68 0.68
CA ASP A 356 -22.13 -15.16 1.84
C ASP A 356 -22.59 -16.60 1.64
N GLU A 357 -23.23 -16.83 0.51
CA GLU A 357 -23.71 -18.14 0.17
C GLU A 357 -22.58 -19.16 0.24
N TRP A 358 -21.43 -18.76 -0.26
CA TRP A 358 -20.30 -19.64 -0.27
C TRP A 358 -19.83 -19.82 1.17
N SER A 359 -20.05 -18.81 2.00
CA SER A 359 -19.65 -18.94 3.39
C SER A 359 -20.49 -20.00 4.05
N VAL A 360 -21.77 -19.72 4.20
CA VAL A 360 -22.63 -20.67 4.87
C VAL A 360 -22.26 -22.08 4.50
N THR A 361 -22.44 -22.40 3.23
CA THR A 361 -22.18 -23.75 2.74
C THR A 361 -20.83 -24.38 3.04
N SER A 362 -19.79 -23.59 3.22
CA SER A 362 -18.50 -24.18 3.52
C SER A 362 -18.38 -24.53 5.00
N GLY A 363 -19.27 -23.93 5.81
CA GLY A 363 -19.22 -24.10 7.23
C GLY A 363 -18.10 -23.19 7.66
N GLY A 364 -18.18 -21.95 7.18
CA GLY A 364 -17.24 -20.91 7.55
C GLY A 364 -15.77 -21.09 7.16
N LEU A 365 -15.47 -21.92 6.18
CA LEU A 365 -14.08 -21.98 5.71
C LEU A 365 -13.78 -20.73 4.89
N ILE A 366 -14.81 -20.09 4.38
CA ILE A 366 -14.63 -18.90 3.60
C ILE A 366 -15.36 -17.78 4.26
N GLU A 367 -14.63 -16.70 4.49
CA GLU A 367 -15.16 -15.55 5.16
C GLU A 367 -15.23 -14.42 4.14
N CYS A 368 -16.20 -13.53 4.29
CA CYS A 368 -16.42 -12.49 3.34
C CYS A 368 -16.19 -11.04 3.80
N GLU A 369 -15.33 -10.31 3.12
CA GLU A 369 -15.19 -8.89 3.39
C GLU A 369 -15.61 -8.20 2.10
N SER A 370 -16.09 -6.96 2.17
CA SER A 370 -16.51 -6.29 0.94
C SER A 370 -15.97 -4.88 0.73
N ALA A 371 -15.94 -4.46 -0.51
CA ALA A 371 -15.48 -3.14 -0.88
C ALA A 371 -16.14 -2.79 -2.19
N GLU A 372 -16.03 -1.53 -2.55
CA GLU A 372 -16.73 -1.00 -3.70
C GLU A 372 -15.85 -0.95 -4.90
N THR A 373 -14.56 -1.16 -4.73
CA THR A 373 -13.68 -1.16 -5.90
C THR A 373 -12.62 -2.20 -5.80
N PRO A 374 -12.07 -2.56 -6.95
CA PRO A 374 -11.01 -3.55 -6.98
C PRO A 374 -9.86 -3.03 -6.13
N GLU A 375 -9.44 -1.79 -6.35
CA GLU A 375 -8.32 -1.20 -5.60
C GLU A 375 -8.55 -1.21 -4.09
N ASP A 376 -9.76 -0.95 -3.68
CA ASP A 376 -10.01 -1.01 -2.29
C ASP A 376 -9.88 -2.43 -1.88
N CYS A 377 -10.27 -3.38 -2.70
CA CYS A 377 -10.16 -4.77 -2.22
C CYS A 377 -8.70 -5.18 -2.03
N ILE A 378 -7.83 -4.72 -2.93
CA ILE A 378 -6.42 -5.05 -2.90
C ILE A 378 -5.79 -4.42 -1.63
N ALA A 379 -6.29 -3.23 -1.27
CA ALA A 379 -5.83 -2.54 -0.10
C ALA A 379 -6.20 -3.31 1.13
N LYS A 380 -7.44 -3.76 1.18
CA LYS A 380 -7.86 -4.58 2.32
C LYS A 380 -6.97 -5.82 2.55
N ILE A 381 -6.56 -6.45 1.45
CA ILE A 381 -5.73 -7.64 1.51
C ILE A 381 -4.29 -7.31 1.89
N MET A 382 -3.79 -6.16 1.41
CA MET A 382 -2.45 -5.65 1.71
C MET A 382 -2.25 -5.45 3.22
N ASN A 383 -3.29 -4.94 3.84
CA ASN A 383 -3.27 -4.68 5.21
C ASN A 383 -4.12 -5.69 6.03
N GLY A 384 -4.23 -6.91 5.49
CA GLY A 384 -4.85 -8.04 6.17
C GLY A 384 -6.28 -7.90 6.64
N GLU A 385 -6.94 -6.87 6.17
CA GLU A 385 -8.36 -6.81 6.37
C GLU A 385 -9.09 -7.89 5.57
N ALA A 386 -8.48 -8.38 4.49
CA ALA A 386 -8.92 -9.62 3.83
C ALA A 386 -7.71 -10.39 3.34
N ASP A 387 -7.96 -11.58 2.80
CA ASP A 387 -6.88 -12.48 2.36
C ASP A 387 -6.79 -12.80 0.89
N ALA A 388 -7.93 -12.84 0.22
CA ALA A 388 -7.91 -13.30 -1.15
C ALA A 388 -9.06 -12.85 -2.03
N MET A 389 -8.77 -12.72 -3.33
CA MET A 389 -9.77 -12.37 -4.34
C MET A 389 -9.22 -12.79 -5.70
N SER A 390 -10.09 -12.94 -6.70
CA SER A 390 -9.57 -13.28 -8.03
C SER A 390 -9.57 -12.03 -8.85
N LEU A 391 -8.61 -11.91 -9.77
CA LEU A 391 -8.42 -10.69 -10.51
C LEU A 391 -7.96 -10.81 -11.97
N ASP A 392 -8.41 -9.90 -12.80
CA ASP A 392 -7.95 -9.87 -14.15
C ASP A 392 -6.46 -9.47 -14.10
N GLY A 393 -5.73 -9.92 -15.09
CA GLY A 393 -4.36 -9.64 -15.25
C GLY A 393 -3.97 -8.22 -15.04
N GLY A 394 -4.76 -7.29 -15.53
CA GLY A 394 -4.38 -5.91 -15.36
C GLY A 394 -4.31 -5.53 -13.89
N TYR A 395 -5.22 -6.04 -13.07
CA TYR A 395 -5.30 -5.72 -11.67
C TYR A 395 -4.28 -6.57 -10.92
N VAL A 396 -3.84 -7.68 -11.54
CA VAL A 396 -2.85 -8.55 -10.94
C VAL A 396 -1.57 -7.79 -10.95
N TYR A 397 -1.37 -6.96 -11.97
CA TYR A 397 -0.16 -6.13 -12.08
C TYR A 397 -0.13 -5.15 -10.92
N ILE A 398 -1.24 -4.45 -10.74
CA ILE A 398 -1.28 -3.51 -9.65
C ILE A 398 -1.06 -4.26 -8.33
N ALA A 399 -1.71 -5.38 -8.16
CA ALA A 399 -1.59 -6.13 -6.94
C ALA A 399 -0.12 -6.50 -6.68
N GLY A 400 0.60 -6.81 -7.72
CA GLY A 400 1.96 -7.20 -7.56
C GLY A 400 2.86 -6.04 -7.22
N GLN A 401 2.62 -4.88 -7.79
CA GLN A 401 3.44 -3.75 -7.50
C GLN A 401 3.16 -3.44 -6.03
N CYS A 402 1.99 -3.79 -5.54
CA CYS A 402 1.63 -3.56 -4.18
C CYS A 402 2.02 -4.72 -3.25
N GLY A 403 2.90 -5.59 -3.71
CA GLY A 403 3.38 -6.69 -2.91
C GLY A 403 2.63 -8.00 -2.75
N LEU A 404 1.45 -8.14 -3.35
CA LEU A 404 0.75 -9.41 -3.32
C LEU A 404 1.31 -10.38 -4.36
N VAL A 405 0.94 -11.63 -4.18
CA VAL A 405 1.43 -12.65 -5.07
C VAL A 405 0.27 -13.45 -5.61
N PRO A 406 0.49 -13.98 -6.78
CA PRO A 406 -0.50 -14.84 -7.36
C PRO A 406 -0.35 -16.17 -6.68
N VAL A 407 -1.48 -16.86 -6.50
CA VAL A 407 -1.52 -18.16 -5.86
C VAL A 407 -2.02 -19.28 -6.80
N LEU A 408 -3.22 -19.10 -7.33
CA LEU A 408 -3.80 -20.00 -8.29
C LEU A 408 -4.41 -19.28 -9.49
N ALA A 409 -4.23 -19.84 -10.68
CA ALA A 409 -4.85 -19.31 -11.91
C ALA A 409 -6.15 -19.95 -12.25
N GLU A 410 -7.01 -19.16 -12.90
CA GLU A 410 -8.26 -19.58 -13.52
C GLU A 410 -7.88 -20.18 -14.88
N ASN A 411 -8.27 -21.43 -15.16
CA ASN A 411 -8.03 -22.08 -16.47
C ASN A 411 -9.41 -22.17 -17.17
N TYR A 412 -9.42 -21.81 -18.45
CA TYR A 412 -10.69 -21.78 -19.19
C TYR A 412 -10.91 -22.89 -20.24
N GLU A 413 -9.82 -23.49 -20.67
CA GLU A 413 -9.81 -24.44 -21.75
C GLU A 413 -10.06 -25.91 -21.34
N SER A 414 -9.72 -26.33 -20.14
CA SER A 414 -9.87 -27.74 -19.80
C SER A 414 -10.45 -27.98 -18.42
N THR A 415 -11.09 -29.13 -18.23
CA THR A 415 -11.67 -29.45 -16.94
C THR A 415 -10.69 -30.23 -16.09
N ASP A 416 -9.53 -30.51 -16.64
CA ASP A 416 -8.54 -31.24 -15.88
C ASP A 416 -7.68 -30.24 -15.08
N CYS A 417 -8.10 -30.06 -13.83
CA CYS A 417 -7.46 -29.12 -12.93
C CYS A 417 -5.98 -29.37 -12.60
N LYS A 418 -5.35 -30.37 -13.19
CA LYS A 418 -3.93 -30.57 -12.92
C LYS A 418 -3.15 -29.98 -14.08
N LYS A 419 -3.85 -29.43 -15.06
CA LYS A 419 -3.15 -28.83 -16.18
C LYS A 419 -2.45 -27.54 -15.72
N ALA A 420 -1.34 -27.22 -16.38
CA ALA A 420 -0.65 -25.97 -16.18
C ALA A 420 -1.55 -24.82 -16.62
N PRO A 421 -1.22 -23.60 -16.24
CA PRO A 421 -2.07 -22.47 -16.61
C PRO A 421 -1.93 -22.28 -18.09
N GLU A 422 -3.02 -21.92 -18.72
CA GLU A 422 -3.01 -21.69 -20.15
C GLU A 422 -2.10 -20.51 -20.56
N GLU A 423 -1.82 -20.34 -21.84
CA GLU A 423 -1.00 -19.19 -22.19
C GLU A 423 -1.82 -17.90 -22.09
N GLY A 424 -3.12 -18.01 -21.97
CA GLY A 424 -3.99 -16.87 -21.89
C GLY A 424 -5.16 -16.81 -22.89
N TYR A 425 -6.11 -15.96 -22.53
CA TYR A 425 -7.23 -15.73 -23.39
C TYR A 425 -7.06 -14.68 -24.46
N LEU A 426 -7.90 -14.77 -25.48
CA LEU A 426 -7.83 -13.87 -26.64
C LEU A 426 -8.60 -12.64 -26.39
N SER A 427 -7.97 -11.57 -26.79
CA SER A 427 -8.45 -10.25 -26.61
C SER A 427 -8.84 -9.63 -27.94
N VAL A 428 -10.10 -9.25 -28.09
CA VAL A 428 -10.50 -8.81 -29.42
C VAL A 428 -11.20 -7.51 -29.40
N ALA A 429 -11.44 -6.95 -30.57
CA ALA A 429 -12.28 -5.76 -30.71
C ALA A 429 -13.49 -6.11 -31.59
N VAL A 430 -14.67 -5.89 -31.06
CA VAL A 430 -15.90 -6.26 -31.71
C VAL A 430 -16.77 -5.12 -32.12
N VAL A 431 -17.29 -5.20 -33.35
CA VAL A 431 -18.24 -4.18 -33.87
C VAL A 431 -19.46 -4.83 -34.44
N LYS A 432 -20.43 -3.99 -34.79
CA LYS A 432 -21.68 -4.42 -35.37
C LYS A 432 -21.45 -4.56 -36.84
N LYS A 433 -22.11 -5.57 -37.41
CA LYS A 433 -22.05 -5.82 -38.85
C LYS A 433 -22.82 -4.68 -39.50
N SER A 434 -23.86 -4.25 -38.83
CA SER A 434 -24.59 -3.09 -39.28
C SER A 434 -23.68 -1.95 -39.73
N ASN A 435 -22.73 -1.60 -38.89
CA ASN A 435 -21.84 -0.49 -39.17
C ASN A 435 -20.78 -0.70 -40.26
N PRO A 436 -20.97 -0.25 -41.47
CA PRO A 436 -20.00 -0.56 -42.53
C PRO A 436 -18.62 0.09 -42.47
N ASP A 437 -18.46 1.23 -41.82
CA ASP A 437 -17.22 1.98 -42.00
C ASP A 437 -16.07 1.79 -40.98
N ILE A 438 -16.40 1.53 -39.73
CA ILE A 438 -15.40 1.33 -38.70
C ILE A 438 -14.38 0.22 -38.99
N ASN A 439 -13.14 0.50 -38.64
CA ASN A 439 -12.04 -0.44 -38.73
C ASN A 439 -10.89 -0.03 -37.77
N TRP A 440 -9.85 -0.85 -37.67
CA TRP A 440 -8.81 -0.61 -36.68
C TRP A 440 -8.21 0.79 -36.86
N ASN A 441 -7.90 1.13 -38.10
CA ASN A 441 -7.30 2.39 -38.46
C ASN A 441 -8.29 3.52 -38.50
N ASN A 442 -9.47 3.32 -37.95
CA ASN A 442 -10.49 4.31 -38.02
C ASN A 442 -11.05 4.74 -36.69
N LEU A 443 -10.50 4.26 -35.62
CA LEU A 443 -11.15 4.47 -34.33
C LEU A 443 -11.30 5.91 -33.91
N GLU A 444 -10.36 6.74 -34.34
CA GLU A 444 -10.33 8.10 -33.86
C GLU A 444 -11.71 8.70 -34.07
N GLY A 445 -12.39 9.15 -33.02
CA GLY A 445 -13.71 9.73 -33.22
C GLY A 445 -14.87 8.85 -32.81
N LYS A 446 -14.71 7.54 -32.82
CA LYS A 446 -15.88 6.69 -32.56
C LYS A 446 -16.25 6.55 -31.11
N LYS A 447 -17.25 5.73 -30.84
CA LYS A 447 -17.73 5.48 -29.50
C LYS A 447 -17.29 4.10 -28.98
N SER A 448 -16.65 4.07 -27.80
CA SER A 448 -16.03 2.86 -27.34
C SER A 448 -16.61 2.34 -26.08
N CYS A 449 -16.43 1.03 -25.86
CA CYS A 449 -16.94 0.30 -24.70
C CYS A 449 -15.84 -0.59 -24.16
N HIS A 450 -15.63 -0.50 -22.84
CA HIS A 450 -14.50 -1.14 -22.19
C HIS A 450 -14.99 -1.84 -20.97
N THR A 451 -14.38 -2.98 -20.63
CA THR A 451 -14.78 -3.74 -19.45
C THR A 451 -14.68 -2.84 -18.22
N ALA A 452 -13.55 -2.13 -18.17
CA ALA A 452 -13.13 -1.23 -17.08
C ALA A 452 -11.72 -0.76 -17.37
N VAL A 453 -11.36 0.36 -16.77
CA VAL A 453 -10.01 0.86 -16.91
C VAL A 453 -9.16 -0.05 -16.08
N ASP A 454 -7.99 -0.29 -16.62
CA ASP A 454 -6.97 -1.12 -16.04
C ASP A 454 -7.09 -2.64 -16.26
N ARG A 455 -8.22 -3.10 -16.87
CA ARG A 455 -8.37 -4.50 -17.23
C ARG A 455 -7.65 -4.85 -18.49
N THR A 456 -7.33 -6.10 -18.67
CA THR A 456 -6.52 -6.45 -19.83
C THR A 456 -7.18 -6.28 -21.19
N ALA A 457 -8.33 -6.92 -21.36
CA ALA A 457 -8.99 -6.89 -22.67
C ALA A 457 -9.71 -5.56 -22.86
N GLY A 458 -10.19 -4.98 -21.77
CA GLY A 458 -10.90 -3.73 -21.93
C GLY A 458 -10.03 -2.48 -22.06
N TRP A 459 -8.76 -2.55 -21.73
CA TRP A 459 -7.97 -1.34 -21.59
C TRP A 459 -6.55 -1.49 -21.90
N ASN A 460 -5.85 -2.28 -21.11
CA ASN A 460 -4.43 -2.38 -21.31
C ASN A 460 -4.11 -2.78 -22.68
N ILE A 461 -4.68 -3.85 -23.19
CA ILE A 461 -4.25 -4.26 -24.54
C ILE A 461 -4.58 -3.25 -25.63
N PRO A 462 -5.84 -2.87 -25.71
CA PRO A 462 -6.26 -1.96 -26.76
C PRO A 462 -5.64 -0.57 -26.51
N MET A 463 -5.71 -0.05 -25.28
CA MET A 463 -5.18 1.32 -25.09
C MET A 463 -3.69 1.40 -25.36
N GLY A 464 -2.93 0.41 -24.92
CA GLY A 464 -1.52 0.44 -25.17
C GLY A 464 -1.19 0.31 -26.63
N LEU A 465 -2.02 -0.34 -27.40
CA LEU A 465 -1.66 -0.54 -28.78
C LEU A 465 -2.04 0.74 -29.52
N LEU A 466 -3.03 1.47 -29.03
CA LEU A 466 -3.39 2.75 -29.61
C LEU A 466 -2.42 3.83 -29.20
N TYR A 467 -1.92 3.72 -27.98
CA TYR A 467 -0.99 4.68 -27.45
C TYR A 467 0.21 4.71 -28.33
N ASN A 468 0.73 3.53 -28.65
CA ASN A 468 1.91 3.43 -29.51
C ASN A 468 1.64 4.06 -30.88
N ARG A 469 0.46 4.60 -31.07
CA ARG A 469 0.09 5.17 -32.35
C ARG A 469 -0.13 6.67 -32.21
N ILE A 470 -0.76 7.09 -31.13
CA ILE A 470 -1.07 8.49 -30.98
C ILE A 470 -0.06 9.21 -30.05
N ASN A 471 0.81 8.42 -29.44
CA ASN A 471 1.83 8.92 -28.54
C ASN A 471 1.49 10.05 -27.56
N HIS A 472 0.25 10.04 -27.08
CA HIS A 472 -0.16 10.91 -25.97
C HIS A 472 -1.18 10.09 -25.15
N CYS A 473 -1.73 10.63 -24.07
CA CYS A 473 -2.58 9.85 -23.15
C CYS A 473 -4.00 10.34 -22.97
N ARG A 474 -4.51 11.18 -23.85
CA ARG A 474 -5.85 11.65 -23.66
C ARG A 474 -6.80 10.79 -24.46
N PHE A 475 -6.90 9.53 -24.06
CA PHE A 475 -7.76 8.58 -24.77
C PHE A 475 -9.18 9.10 -24.83
N ASP A 476 -9.53 9.96 -23.88
CA ASP A 476 -10.88 10.51 -23.82
C ASP A 476 -11.05 11.62 -24.84
N GLU A 477 -10.03 11.83 -25.65
CA GLU A 477 -10.07 12.82 -26.71
C GLU A 477 -9.88 12.13 -28.05
N PHE A 478 -9.46 10.88 -28.00
CA PHE A 478 -9.29 10.10 -29.21
C PHE A 478 -10.65 9.53 -29.54
N PHE A 479 -11.33 9.00 -28.56
CA PHE A 479 -12.66 8.51 -28.82
C PHE A 479 -13.43 9.72 -28.52
N ARG A 480 -14.62 9.81 -29.08
CA ARG A 480 -15.49 10.94 -28.92
C ARG A 480 -16.24 10.79 -27.65
N GLN A 481 -16.53 9.55 -27.32
CA GLN A 481 -17.36 9.32 -26.19
C GLN A 481 -17.21 7.86 -25.80
N GLY A 482 -17.55 7.51 -24.56
CA GLY A 482 -17.41 6.13 -24.14
C GLY A 482 -17.97 5.70 -22.81
N CYS A 483 -17.77 4.42 -22.50
CA CYS A 483 -18.04 3.89 -21.19
C CYS A 483 -16.90 2.94 -20.76
N ALA A 484 -15.95 3.49 -20.02
CA ALA A 484 -14.81 2.79 -19.51
C ALA A 484 -14.89 2.95 -18.03
N PRO A 485 -15.69 2.13 -17.37
CA PRO A 485 -15.85 2.19 -15.92
C PRO A 485 -14.54 2.36 -15.19
N GLY A 486 -14.58 3.12 -14.09
CA GLY A 486 -13.39 3.46 -13.34
C GLY A 486 -12.73 4.71 -13.88
N SER A 487 -13.29 5.31 -14.90
CA SER A 487 -12.72 6.55 -15.38
C SER A 487 -13.31 7.75 -14.60
N GLN A 488 -12.73 8.91 -14.79
CA GLN A 488 -13.25 10.13 -14.16
C GLN A 488 -14.70 10.45 -14.46
N LYS A 489 -15.52 10.46 -13.42
CA LYS A 489 -16.94 10.70 -13.56
C LYS A 489 -17.38 11.67 -14.69
N ASN A 490 -16.56 12.66 -15.04
CA ASN A 490 -16.97 13.65 -16.03
C ASN A 490 -16.16 13.70 -17.30
N SER A 491 -15.39 12.66 -17.60
CA SER A 491 -14.73 12.62 -18.91
C SER A 491 -15.72 12.08 -19.90
N SER A 492 -15.33 12.16 -21.17
CA SER A 492 -16.06 11.60 -22.28
C SER A 492 -16.32 10.11 -22.01
N LEU A 493 -15.27 9.43 -21.58
CA LEU A 493 -15.30 8.01 -21.33
C LEU A 493 -16.23 7.59 -20.25
N CYS A 494 -17.08 8.48 -19.78
CA CYS A 494 -18.07 7.97 -18.85
C CYS A 494 -19.39 8.31 -19.38
N GLU A 495 -19.40 8.91 -20.55
CA GLU A 495 -20.67 9.38 -21.04
C GLU A 495 -21.63 8.29 -21.50
N LEU A 496 -21.17 7.08 -21.84
CA LEU A 496 -22.11 6.03 -22.22
C LEU A 496 -22.59 5.15 -21.09
N CYS A 497 -22.00 5.27 -19.91
CA CYS A 497 -22.32 4.37 -18.81
C CYS A 497 -23.74 4.51 -18.35
N VAL A 498 -24.22 3.57 -17.56
CA VAL A 498 -25.61 3.65 -17.19
C VAL A 498 -25.91 3.18 -15.80
N GLY A 499 -25.37 2.03 -15.43
CA GLY A 499 -25.64 1.37 -14.16
C GLY A 499 -25.97 2.37 -13.13
N PRO A 500 -26.79 1.99 -12.17
CA PRO A 500 -27.15 2.93 -11.12
C PRO A 500 -25.93 3.79 -10.78
N SER A 501 -24.90 3.16 -10.22
CA SER A 501 -23.72 3.92 -9.91
C SER A 501 -23.03 4.17 -11.23
N VAL A 502 -23.19 5.37 -11.74
CA VAL A 502 -22.64 5.68 -13.02
C VAL A 502 -21.14 5.73 -13.09
N CYS A 503 -20.63 4.74 -13.77
CA CYS A 503 -19.26 4.69 -14.17
C CYS A 503 -18.41 4.04 -13.17
N ALA A 504 -19.01 3.39 -12.18
CA ALA A 504 -18.24 2.71 -11.17
C ALA A 504 -17.50 1.51 -11.73
N PRO A 505 -16.35 1.17 -11.17
CA PRO A 505 -15.67 -0.03 -11.61
C PRO A 505 -16.23 -1.24 -10.90
N ASN A 506 -17.53 -1.43 -10.96
CA ASN A 506 -18.13 -2.63 -10.39
C ASN A 506 -19.47 -2.91 -11.04
N ASN A 507 -20.16 -3.91 -10.51
CA ASN A 507 -21.42 -4.34 -11.04
C ASN A 507 -22.55 -3.34 -10.95
N ARG A 508 -22.41 -2.32 -10.14
CA ARG A 508 -23.43 -1.32 -10.05
C ARG A 508 -23.38 -0.41 -11.25
N GLU A 509 -22.48 -0.70 -12.16
CA GLU A 509 -22.51 -0.06 -13.46
C GLU A 509 -22.88 -1.17 -14.46
N GLY A 510 -23.92 -0.91 -15.22
CA GLY A 510 -24.46 -1.91 -16.12
C GLY A 510 -23.49 -2.36 -17.15
N TYR A 511 -22.70 -1.44 -17.69
CA TYR A 511 -21.79 -1.71 -18.76
C TYR A 511 -20.42 -2.11 -18.29
N TYR A 512 -20.38 -2.64 -17.08
CA TYR A 512 -19.13 -3.09 -16.45
C TYR A 512 -18.84 -4.56 -16.73
N GLY A 513 -17.60 -4.87 -17.08
CA GLY A 513 -17.19 -6.25 -17.31
C GLY A 513 -17.29 -6.69 -18.76
N TYR A 514 -16.97 -7.96 -19.02
CA TYR A 514 -17.03 -8.55 -20.37
C TYR A 514 -18.45 -8.42 -21.04
N THR A 515 -19.44 -8.88 -20.29
CA THR A 515 -20.80 -8.72 -20.66
C THR A 515 -21.24 -7.26 -20.76
N GLY A 516 -20.96 -6.44 -19.74
CA GLY A 516 -21.42 -5.05 -19.73
C GLY A 516 -20.89 -4.34 -20.96
N ALA A 517 -19.68 -4.65 -21.34
CA ALA A 517 -19.09 -3.95 -22.46
C ALA A 517 -19.74 -4.41 -23.72
N PHE A 518 -20.24 -5.64 -23.72
CA PHE A 518 -20.87 -6.13 -24.93
C PHE A 518 -22.20 -5.41 -25.10
N ARG A 519 -23.00 -5.41 -24.06
CA ARG A 519 -24.26 -4.70 -24.04
C ARG A 519 -24.03 -3.25 -24.44
N CYS A 520 -23.06 -2.65 -23.83
CA CYS A 520 -22.74 -1.28 -24.22
C CYS A 520 -22.63 -1.19 -25.73
N LEU A 521 -22.02 -2.19 -26.35
CA LEU A 521 -21.84 -2.20 -27.81
C LEU A 521 -23.19 -2.35 -28.51
N VAL A 522 -24.02 -3.16 -27.92
CA VAL A 522 -25.24 -3.46 -28.53
C VAL A 522 -26.12 -2.25 -28.58
N GLU A 523 -26.06 -1.46 -27.51
CA GLU A 523 -26.99 -0.34 -27.26
C GLU A 523 -26.53 1.06 -27.59
N LYS A 524 -25.24 1.35 -27.46
CA LYS A 524 -24.74 2.70 -27.74
C LYS A 524 -23.37 2.81 -28.36
N GLY A 525 -22.46 1.83 -28.20
CA GLY A 525 -21.14 2.07 -28.76
C GLY A 525 -20.90 1.58 -30.17
N ASP A 526 -19.77 1.95 -30.75
CA ASP A 526 -19.31 1.42 -32.01
C ASP A 526 -18.26 0.32 -31.85
N VAL A 527 -17.57 0.26 -30.70
CA VAL A 527 -16.55 -0.77 -30.54
C VAL A 527 -16.54 -1.25 -29.14
N ALA A 528 -16.36 -2.54 -28.94
CA ALA A 528 -16.25 -3.04 -27.59
C ALA A 528 -14.95 -3.78 -27.49
N PHE A 529 -14.21 -3.62 -26.39
CA PHE A 529 -12.94 -4.36 -26.16
C PHE A 529 -13.22 -5.37 -25.10
N VAL A 530 -13.15 -6.65 -25.46
CA VAL A 530 -13.55 -7.73 -24.57
C VAL A 530 -12.81 -8.93 -24.91
N LYS A 531 -13.11 -10.02 -24.23
CA LYS A 531 -12.44 -11.30 -24.55
C LYS A 531 -13.13 -11.92 -25.75
N SER A 532 -12.42 -12.80 -26.43
CA SER A 532 -12.92 -13.46 -27.64
C SER A 532 -14.16 -14.28 -27.39
N GLN A 533 -14.29 -14.99 -26.30
CA GLN A 533 -15.52 -15.77 -26.09
C GLN A 533 -16.78 -14.97 -25.77
N THR A 534 -16.67 -13.67 -25.73
CA THR A 534 -17.79 -12.87 -25.25
C THR A 534 -19.01 -12.90 -26.12
N VAL A 535 -18.81 -12.80 -27.44
CA VAL A 535 -19.94 -12.78 -28.36
C VAL A 535 -20.75 -14.07 -28.22
N LEU A 536 -20.10 -15.20 -28.26
CA LEU A 536 -20.74 -16.46 -28.13
C LEU A 536 -21.43 -16.57 -26.83
N GLN A 537 -20.87 -16.07 -25.74
CA GLN A 537 -21.52 -16.29 -24.46
C GLN A 537 -22.78 -15.44 -24.34
N ASN A 538 -22.94 -14.49 -25.24
CA ASN A 538 -24.08 -13.60 -25.14
C ASN A 538 -24.99 -13.54 -26.34
N THR A 539 -24.78 -14.44 -27.30
CA THR A 539 -25.70 -14.55 -28.43
C THR A 539 -26.31 -15.93 -28.40
N GLY A 540 -27.28 -16.19 -29.29
CA GLY A 540 -27.92 -17.51 -29.46
C GLY A 540 -28.84 -17.94 -28.33
N GLY A 541 -29.45 -16.95 -27.69
CA GLY A 541 -30.18 -17.21 -26.47
C GLY A 541 -29.37 -17.73 -25.30
N ARG A 542 -28.04 -17.85 -25.43
CA ARG A 542 -27.25 -18.28 -24.28
C ARG A 542 -27.33 -17.26 -23.11
N ASN A 543 -27.50 -15.99 -23.46
CA ASN A 543 -27.84 -14.93 -22.52
C ASN A 543 -29.32 -14.52 -22.68
N SER A 544 -30.11 -14.74 -21.64
CA SER A 544 -31.55 -14.55 -21.70
C SER A 544 -32.07 -13.18 -21.30
N GLU A 545 -31.20 -12.21 -21.11
CA GLU A 545 -31.68 -10.89 -20.79
C GLU A 545 -32.33 -10.31 -22.05
N PRO A 546 -33.38 -9.54 -21.87
CA PRO A 546 -34.05 -8.87 -22.98
C PRO A 546 -33.11 -8.35 -24.05
N TRP A 547 -32.04 -7.67 -23.66
CA TRP A 547 -31.16 -7.01 -24.62
C TRP A 547 -30.36 -7.99 -25.47
N ALA A 548 -30.18 -9.21 -24.98
CA ALA A 548 -29.36 -10.19 -25.71
C ALA A 548 -30.03 -11.47 -26.21
N LYS A 549 -31.29 -11.70 -25.83
CA LYS A 549 -31.96 -12.95 -26.15
C LYS A 549 -32.07 -13.24 -27.64
N ASP A 550 -32.27 -12.21 -28.46
CA ASP A 550 -32.41 -12.40 -29.91
C ASP A 550 -31.18 -12.07 -30.73
N LEU A 551 -30.08 -11.81 -30.07
CA LEU A 551 -28.87 -11.44 -30.75
C LEU A 551 -28.23 -12.60 -31.45
N LYS A 552 -27.60 -12.31 -32.58
CA LYS A 552 -26.98 -13.35 -33.34
C LYS A 552 -25.51 -13.08 -33.64
N GLU A 553 -24.73 -14.10 -33.38
CA GLU A 553 -23.33 -14.12 -33.61
C GLU A 553 -23.00 -13.51 -34.94
N GLU A 554 -23.91 -13.63 -35.87
CA GLU A 554 -23.62 -13.16 -37.22
C GLU A 554 -23.78 -11.66 -37.35
N ASP A 555 -24.40 -11.04 -36.36
CA ASP A 555 -24.56 -9.61 -36.36
C ASP A 555 -23.28 -8.83 -36.03
N PHE A 556 -22.16 -9.51 -35.72
CA PHE A 556 -20.94 -8.85 -35.24
C PHE A 556 -19.69 -9.24 -36.00
N GLU A 557 -18.68 -8.37 -35.98
CA GLU A 557 -17.39 -8.72 -36.57
C GLU A 557 -16.28 -8.31 -35.63
N LEU A 558 -15.07 -8.70 -35.94
CA LEU A 558 -13.92 -8.34 -35.16
C LEU A 558 -13.06 -7.38 -35.96
N LEU A 559 -12.27 -6.54 -35.29
CA LEU A 559 -11.32 -5.68 -36.00
C LEU A 559 -9.98 -6.35 -35.98
N CYS A 560 -9.39 -6.57 -37.14
CA CYS A 560 -8.06 -7.14 -37.19
C CYS A 560 -7.04 -6.00 -37.24
N LEU A 561 -5.85 -6.27 -36.73
CA LEU A 561 -4.83 -5.24 -36.68
C LEU A 561 -4.53 -4.74 -38.06
N ASP A 562 -4.63 -5.58 -39.07
CA ASP A 562 -4.30 -5.15 -40.42
C ASP A 562 -5.37 -4.31 -41.09
N GLY A 563 -6.41 -3.92 -40.37
CA GLY A 563 -7.39 -3.05 -41.00
C GLY A 563 -8.63 -3.76 -41.50
N THR A 564 -8.56 -5.07 -41.70
CA THR A 564 -9.74 -5.83 -42.17
C THR A 564 -10.74 -6.17 -41.07
N ARG A 565 -11.82 -6.83 -41.47
CA ARG A 565 -12.84 -7.30 -40.55
C ARG A 565 -13.12 -8.77 -40.84
N LYS A 566 -13.49 -9.52 -39.80
CA LYS A 566 -13.71 -10.92 -39.92
C LYS A 566 -14.82 -11.33 -39.01
N PRO A 567 -15.43 -12.46 -39.30
CA PRO A 567 -16.44 -12.99 -38.42
C PRO A 567 -15.80 -13.34 -37.12
N VAL A 568 -16.64 -13.33 -36.13
CA VAL A 568 -16.30 -13.65 -34.76
C VAL A 568 -15.78 -15.03 -34.56
N SER A 569 -16.06 -15.92 -35.46
CA SER A 569 -15.61 -17.28 -35.34
C SER A 569 -14.14 -17.35 -35.68
N GLU A 570 -13.57 -16.21 -36.08
CA GLU A 570 -12.17 -16.12 -36.52
C GLU A 570 -11.19 -15.40 -35.54
N ALA A 571 -11.58 -15.20 -34.29
CA ALA A 571 -10.70 -14.55 -33.32
C ALA A 571 -9.26 -15.03 -33.47
N HIS A 572 -9.14 -16.34 -33.53
CA HIS A 572 -7.86 -16.95 -33.61
C HIS A 572 -6.94 -16.29 -34.59
N ASN A 573 -7.47 -15.82 -35.71
CA ASN A 573 -6.65 -15.15 -36.69
C ASN A 573 -6.98 -13.68 -36.71
N CYS A 574 -7.70 -13.20 -35.74
CA CYS A 574 -8.09 -11.80 -35.79
C CYS A 574 -8.31 -11.30 -34.40
N HIS A 575 -7.22 -11.29 -33.63
CA HIS A 575 -7.25 -10.77 -32.27
C HIS A 575 -6.12 -9.73 -32.05
N LEU A 576 -6.26 -8.95 -30.97
CA LEU A 576 -5.32 -7.89 -30.64
C LEU A 576 -4.09 -8.50 -29.98
N ALA A 577 -4.31 -9.33 -28.97
CA ALA A 577 -3.23 -10.03 -28.29
C ALA A 577 -3.75 -11.10 -27.33
N LYS A 578 -2.80 -11.78 -26.72
CA LYS A 578 -3.15 -12.77 -25.71
C LYS A 578 -3.03 -12.06 -24.39
N ALA A 579 -3.79 -12.50 -23.42
CA ALA A 579 -4.02 -11.92 -22.14
C ALA A 579 -3.91 -13.03 -21.13
N PRO A 580 -3.08 -12.83 -20.11
CA PRO A 580 -2.90 -13.86 -19.09
C PRO A 580 -4.17 -14.09 -18.39
N ASN A 581 -4.43 -15.32 -17.97
CA ASN A 581 -5.67 -15.64 -17.30
C ASN A 581 -5.84 -14.91 -15.99
N HIS A 582 -7.07 -14.76 -15.54
CA HIS A 582 -7.29 -14.12 -14.27
C HIS A 582 -6.64 -15.05 -13.27
N ALA A 583 -6.20 -14.50 -12.12
CA ALA A 583 -5.49 -15.27 -11.11
C ALA A 583 -5.91 -14.80 -9.75
N VAL A 584 -5.84 -15.71 -8.79
CA VAL A 584 -6.13 -15.41 -7.39
C VAL A 584 -4.87 -14.85 -6.73
N VAL A 585 -5.05 -13.80 -5.93
CA VAL A 585 -3.93 -13.18 -5.24
C VAL A 585 -4.17 -13.17 -3.76
N SER A 586 -3.05 -13.12 -3.04
CA SER A 586 -2.99 -12.99 -1.57
C SER A 586 -1.65 -12.35 -1.16
N ARG A 587 -1.38 -12.36 0.14
CA ARG A 587 -0.03 -11.94 0.63
C ARG A 587 0.83 -13.17 0.77
N LYS A 588 2.14 -12.98 0.70
CA LYS A 588 3.06 -14.09 0.94
C LYS A 588 2.68 -14.80 2.22
N ASP A 589 2.41 -14.06 3.29
CA ASP A 589 2.22 -14.80 4.51
C ASP A 589 1.19 -15.86 4.26
N LYS A 590 0.03 -15.51 3.68
CA LYS A 590 -1.10 -16.48 3.57
C LYS A 590 -1.28 -17.27 2.23
N ALA A 591 -0.33 -17.20 1.32
CA ALA A 591 -0.51 -17.83 0.02
C ALA A 591 -0.89 -19.31 0.12
N ALA A 592 -0.07 -20.07 0.84
CA ALA A 592 -0.29 -21.50 1.06
C ALA A 592 -1.68 -21.77 1.63
N CYS A 593 -1.96 -21.19 2.78
CA CYS A 593 -3.25 -21.42 3.35
C CYS A 593 -4.26 -21.31 2.22
N VAL A 594 -4.24 -20.17 1.53
CA VAL A 594 -5.21 -19.82 0.51
C VAL A 594 -5.34 -20.86 -0.58
N LYS A 595 -4.20 -21.25 -1.11
CA LYS A 595 -4.13 -22.29 -2.09
C LYS A 595 -4.96 -23.51 -1.60
N GLN A 596 -4.33 -24.31 -0.76
CA GLN A 596 -4.91 -25.49 -0.16
C GLN A 596 -6.44 -25.41 0.06
N LYS A 597 -6.94 -24.36 0.71
CA LYS A 597 -8.39 -24.29 0.93
C LYS A 597 -9.14 -24.11 -0.38
N LEU A 598 -8.51 -23.48 -1.37
CA LEU A 598 -9.20 -23.30 -2.64
C LEU A 598 -9.19 -24.63 -3.36
N LEU A 599 -8.01 -25.26 -3.47
CA LEU A 599 -7.96 -26.55 -4.13
C LEU A 599 -8.97 -27.53 -3.51
N ASP A 600 -9.05 -27.55 -2.19
CA ASP A 600 -10.02 -28.42 -1.56
C ASP A 600 -11.43 -27.99 -1.90
N LEU A 601 -11.73 -26.72 -1.77
CA LEU A 601 -13.13 -26.33 -1.96
C LEU A 601 -13.58 -26.63 -3.39
N GLN A 602 -12.62 -26.58 -4.31
CA GLN A 602 -12.90 -26.87 -5.71
C GLN A 602 -13.43 -28.30 -5.90
N VAL A 603 -12.97 -29.20 -5.04
CA VAL A 603 -13.34 -30.61 -5.11
C VAL A 603 -14.85 -30.77 -4.93
N GLU A 604 -15.47 -29.96 -4.09
CA GLU A 604 -16.90 -30.10 -3.90
C GLU A 604 -17.71 -29.02 -4.56
N PHE A 605 -17.06 -28.04 -5.15
CA PHE A 605 -17.87 -26.91 -5.62
C PHE A 605 -17.47 -26.41 -6.99
N GLY A 606 -16.53 -27.11 -7.64
CA GLY A 606 -16.08 -26.77 -8.98
C GLY A 606 -16.87 -27.39 -10.13
N ASN A 607 -16.24 -27.52 -11.29
CA ASN A 607 -16.91 -28.02 -12.49
C ASN A 607 -17.81 -29.23 -12.22
N THR A 608 -17.27 -30.21 -11.50
CA THR A 608 -17.95 -31.44 -11.03
C THR A 608 -19.44 -31.35 -10.59
N VAL A 609 -19.84 -30.32 -9.89
CA VAL A 609 -21.24 -30.15 -9.50
C VAL A 609 -22.16 -30.25 -10.71
N ALA A 610 -23.01 -31.28 -10.78
CA ALA A 610 -23.82 -31.49 -11.99
C ALA A 610 -24.91 -30.48 -12.11
N ASP A 611 -25.52 -30.11 -10.99
CA ASP A 611 -26.54 -29.09 -11.05
C ASP A 611 -26.16 -27.94 -10.14
N CYS A 612 -26.24 -26.71 -10.63
CA CYS A 612 -25.85 -25.56 -9.81
C CYS A 612 -26.99 -24.87 -9.09
N SER A 613 -28.24 -25.22 -9.43
CA SER A 613 -29.35 -24.64 -8.70
C SER A 613 -29.65 -25.44 -7.42
N SER A 614 -29.15 -26.66 -7.34
CA SER A 614 -29.34 -27.49 -6.16
C SER A 614 -28.22 -27.25 -5.17
N LYS A 615 -26.99 -27.47 -5.62
CA LYS A 615 -25.79 -27.32 -4.80
C LYS A 615 -24.97 -26.09 -5.22
N PHE A 616 -24.04 -25.67 -4.36
CA PHE A 616 -23.24 -24.47 -4.62
C PHE A 616 -22.11 -24.67 -5.63
N CYS A 617 -22.00 -23.66 -6.50
CA CYS A 617 -21.01 -23.62 -7.56
C CYS A 617 -20.21 -22.31 -7.55
N MET A 618 -18.92 -22.49 -7.37
CA MET A 618 -17.97 -21.41 -7.35
C MET A 618 -17.98 -20.65 -8.66
N PHE A 619 -17.86 -21.41 -9.73
CA PHE A 619 -17.71 -20.83 -11.05
C PHE A 619 -19.02 -20.53 -11.71
N HIS A 620 -20.09 -20.59 -10.96
CA HIS A 620 -21.38 -20.24 -11.54
C HIS A 620 -21.89 -19.01 -10.87
N SER A 621 -22.45 -18.09 -11.62
CA SER A 621 -22.86 -16.85 -11.02
C SER A 621 -24.29 -16.43 -11.32
N LYS A 622 -24.99 -15.98 -10.31
CA LYS A 622 -26.38 -15.58 -10.45
C LYS A 622 -26.44 -14.57 -11.57
N THR A 623 -25.53 -13.61 -11.52
CA THR A 623 -25.43 -12.56 -12.54
C THR A 623 -24.35 -12.94 -13.55
N LYS A 624 -23.35 -12.10 -13.74
CA LYS A 624 -22.21 -12.42 -14.58
C LYS A 624 -20.92 -12.20 -13.81
N ASP A 625 -20.09 -13.25 -13.80
CA ASP A 625 -18.70 -13.17 -13.37
C ASP A 625 -18.42 -12.71 -11.96
N LEU A 626 -19.25 -13.14 -11.01
CA LEU A 626 -19.03 -12.79 -9.62
C LEU A 626 -17.91 -13.63 -8.99
N LEU A 627 -16.93 -12.94 -8.40
CA LEU A 627 -15.74 -13.53 -7.77
C LEU A 627 -14.86 -14.25 -8.73
N PHE A 628 -15.43 -15.09 -9.60
CA PHE A 628 -14.63 -15.70 -10.67
C PHE A 628 -15.27 -15.46 -12.02
N ARG A 629 -14.50 -15.68 -13.08
CA ARG A 629 -15.11 -15.70 -14.40
C ARG A 629 -16.00 -16.99 -14.57
N ASP A 630 -17.24 -16.77 -14.98
CA ASP A 630 -18.21 -17.84 -15.23
C ASP A 630 -17.76 -18.88 -16.20
N ASP A 631 -16.81 -18.57 -17.05
CA ASP A 631 -16.28 -19.58 -17.87
C ASP A 631 -15.12 -20.23 -17.20
N THR A 632 -14.94 -19.99 -15.93
CA THR A 632 -13.78 -20.61 -15.26
C THR A 632 -14.04 -22.08 -15.13
N LYS A 633 -13.03 -22.87 -15.46
CA LYS A 633 -13.13 -24.32 -15.42
C LYS A 633 -12.46 -24.88 -14.22
N CYS A 634 -11.18 -24.54 -14.06
CA CYS A 634 -10.36 -25.00 -12.95
C CYS A 634 -9.53 -23.88 -12.36
N LEU A 635 -9.23 -23.98 -11.06
CA LEU A 635 -8.19 -23.17 -10.43
C LEU A 635 -6.96 -24.06 -10.40
N VAL A 636 -5.98 -23.76 -11.24
CA VAL A 636 -4.77 -24.57 -11.32
C VAL A 636 -3.52 -23.97 -10.69
N ASP A 637 -2.77 -24.82 -10.02
CA ASP A 637 -1.51 -24.46 -9.44
C ASP A 637 -0.64 -23.77 -10.48
N LEU A 638 0.23 -22.86 -10.05
CA LEU A 638 1.01 -22.03 -10.96
C LEU A 638 2.33 -22.59 -11.40
N ARG A 639 2.67 -23.74 -10.85
CA ARG A 639 3.93 -24.43 -11.16
C ARG A 639 5.16 -23.56 -11.24
N GLY A 640 5.43 -22.82 -10.17
CA GLY A 640 6.63 -22.02 -10.13
C GLY A 640 6.49 -20.59 -10.56
N LYS A 641 5.35 -20.23 -11.13
CA LYS A 641 5.15 -18.85 -11.52
C LYS A 641 4.46 -18.17 -10.37
N ASN A 642 5.15 -18.17 -9.23
CA ASN A 642 4.62 -17.67 -7.95
C ASN A 642 4.86 -16.18 -7.77
N THR A 643 5.32 -15.56 -8.84
CA THR A 643 5.55 -14.15 -8.88
C THR A 643 4.82 -13.49 -10.05
N TYR A 644 4.21 -12.34 -9.75
CA TYR A 644 3.49 -11.57 -10.77
C TYR A 644 4.27 -11.26 -12.03
N GLU A 645 5.57 -11.03 -11.94
CA GLU A 645 6.34 -10.86 -13.15
C GLU A 645 6.42 -12.20 -13.85
N LYS A 646 6.47 -13.26 -13.05
CA LYS A 646 6.62 -14.60 -13.59
C LYS A 646 5.33 -15.07 -14.18
N TYR A 647 4.23 -14.81 -13.49
CA TYR A 647 2.97 -15.30 -13.99
C TYR A 647 2.49 -14.50 -15.20
N LEU A 648 2.43 -13.19 -15.12
CA LEU A 648 1.97 -12.39 -16.25
C LEU A 648 2.82 -12.51 -17.48
N GLY A 649 4.11 -12.64 -17.26
CA GLY A 649 5.04 -12.86 -18.34
C GLY A 649 5.60 -11.59 -18.86
N ALA A 650 6.75 -11.71 -19.48
CA ALA A 650 7.48 -10.55 -19.95
C ALA A 650 6.65 -9.68 -20.83
N ASP A 651 6.17 -10.23 -21.94
CA ASP A 651 5.40 -9.46 -22.92
C ASP A 651 4.33 -8.62 -22.28
N TYR A 652 3.58 -9.22 -21.36
CA TYR A 652 2.49 -8.45 -20.76
C TYR A 652 3.05 -7.34 -19.92
N ILE A 653 4.09 -7.65 -19.16
CA ILE A 653 4.70 -6.64 -18.32
C ILE A 653 5.16 -5.54 -19.24
N LYS A 654 5.83 -5.91 -20.31
CA LYS A 654 6.42 -4.85 -21.15
C LYS A 654 5.30 -3.96 -21.64
N ALA A 655 4.17 -4.55 -22.00
CA ALA A 655 3.06 -3.75 -22.50
C ALA A 655 2.45 -2.83 -21.43
N VAL A 656 2.12 -3.34 -20.28
CA VAL A 656 1.54 -2.50 -19.25
C VAL A 656 2.51 -1.34 -18.85
N SER A 657 3.81 -1.61 -18.85
CA SER A 657 4.79 -0.61 -18.47
C SER A 657 4.77 0.54 -19.42
N ASN A 658 4.81 0.25 -20.71
CA ASN A 658 4.68 1.30 -21.72
C ASN A 658 3.51 2.23 -21.46
N LEU A 659 2.48 1.75 -20.78
CA LEU A 659 1.30 2.56 -20.46
C LEU A 659 1.38 3.21 -19.09
N ARG A 660 2.51 3.02 -18.41
CA ARG A 660 2.64 3.50 -17.04
C ARG A 660 2.37 4.97 -16.93
N LYS A 661 2.89 5.70 -17.89
CA LYS A 661 2.72 7.13 -17.89
C LYS A 661 1.30 7.56 -17.98
N CYS A 662 0.36 6.72 -18.40
CA CYS A 662 -1.05 7.16 -18.41
C CYS A 662 -1.85 6.66 -17.20
N SER A 663 -1.19 5.99 -16.25
CA SER A 663 -1.94 5.41 -15.14
C SER A 663 -2.68 6.54 -14.49
N THR A 664 -3.73 6.20 -13.76
CA THR A 664 -4.53 7.15 -13.01
C THR A 664 -4.94 6.36 -11.78
N SER A 665 -4.20 5.30 -11.53
CA SER A 665 -4.44 4.46 -10.39
C SER A 665 -3.80 5.08 -9.12
N ARG A 666 -4.65 5.43 -8.21
CA ARG A 666 -4.21 5.98 -6.98
C ARG A 666 -3.51 4.93 -6.15
N LEU A 667 -4.01 3.70 -6.12
CA LEU A 667 -3.31 2.65 -5.38
C LEU A 667 -1.90 2.33 -5.92
N LEU A 668 -1.69 2.39 -7.23
CA LEU A 668 -0.39 2.08 -7.82
C LEU A 668 0.66 3.13 -7.46
N GLU A 669 0.26 4.41 -7.42
CA GLU A 669 1.23 5.45 -7.06
C GLU A 669 1.63 5.26 -5.57
N ALA A 670 0.64 5.00 -4.72
CA ALA A 670 0.83 4.63 -3.37
C ALA A 670 1.81 3.49 -3.31
N CYS A 671 1.58 2.41 -4.03
CA CYS A 671 2.47 1.29 -3.87
C CYS A 671 3.83 1.51 -4.43
N THR A 672 4.07 2.60 -5.10
CA THR A 672 5.39 2.81 -5.69
C THR A 672 6.11 4.03 -5.09
N PHE A 673 5.58 4.56 -4.00
CA PHE A 673 6.18 5.69 -3.34
C PHE A 673 7.50 5.35 -2.63
N HIS A 674 7.46 4.38 -1.71
CA HIS A 674 8.66 4.05 -0.98
C HIS A 674 9.92 3.79 -1.80
N LYS A 675 11.04 4.37 -1.42
CA LYS A 675 12.29 4.03 -2.09
C LYS A 675 13.12 3.15 -1.12
N HIS A 676 13.25 1.86 -1.44
CA HIS A 676 14.02 0.96 -0.59
C HIS A 676 15.44 0.73 -1.07
#